data_3MBB
#
_entry.id   3MBB
#
_cell.length_a   57.650
_cell.length_b   126.990
_cell.length_c   136.780
_cell.angle_alpha   90.00
_cell.angle_beta   90.00
_cell.angle_gamma   90.00
#
_symmetry.space_group_name_H-M   'P 21 21 21'
#
loop_
_entity.id
_entity.type
_entity.pdbx_description
1 polymer 'Putative sphingosine-1-phosphate lyase'
2 non-polymer 'PHOSPHATE ION'
3 non-polymer 1,2-ETHANEDIOL
4 non-polymer 'SODIUM ION'
5 water water
#
_entity_poly.entity_id   1
_entity_poly.type   'polypeptide(L)'
_entity_poly.pdbx_seq_one_letter_code
;MPLSAFSPPLPCDPARSHPTPEFPSSLQDYCEIRGIQSQPPARRDPTMDWLASLRSQIKPYRDRFPSHARLPRAGLPRAE
ILAEIAAMGAAESPAWRDGYASGAVYHGDEHHIAFLNEVYALQSQSNPLHPDLWPSTAKFEAEVVAMTAHMLGGDAAGGT
VCGTVTSGGTESLLLAMKTYRDWARATKGITAPEAVVPVSAHAAFDKAAQYFGIKLVRTPLDADYRADVAAMREAITPNT
VVVAGSAPG(TY2)PHGVVDPIPEIAALAAEHGIGCHVDACLGGFILPWAERLGYPVPPFDFRLEGVTSVSADTHKYGYG
AKGTSVILYRRPDLLHYQYFIAADWPGGLYFSPTFAGSRPGALSATAWAAMLSLGEEGYLDATRRILQAADRLKAGVRAI
PSLKILGDPLWVIAVASDELNIYQVMEEMAGRGWRLNGLHRPPAFHVALTLRHTEPGVVDRFLADLQDAVAQVRAHPEKA
TGMAPVYGMAAAAPPELVRQVLTGFIDLLYEVHHHHHH
;
_entity_poly.pdbx_strand_id   A,B
#
loop_
_chem_comp.id
_chem_comp.type
_chem_comp.name
_chem_comp.formula
EDO non-polymer 1,2-ETHANEDIOL 'C2 H6 O2'
NA non-polymer 'SODIUM ION' 'Na 1'
PO4 non-polymer 'PHOSPHATE ION' 'O4 P -3'
#
# COMPACT_ATOMS: atom_id res chain seq x y z
N LYS A 59 18.42 7.26 16.02
CA LYS A 59 19.05 7.95 14.87
C LYS A 59 20.57 7.76 14.86
N PRO A 60 21.01 6.53 14.55
CA PRO A 60 22.43 6.17 14.65
C PRO A 60 23.33 6.80 13.58
N TYR A 61 22.76 7.36 12.51
CA TYR A 61 23.58 7.88 11.41
C TYR A 61 23.70 9.40 11.41
N ARG A 62 23.08 10.04 12.40
CA ARG A 62 23.07 11.49 12.51
C ARG A 62 24.48 12.09 12.41
N ASP A 63 25.46 11.36 12.94
CA ASP A 63 26.86 11.80 12.88
C ASP A 63 27.60 11.33 11.60
N ARG A 64 27.42 10.08 11.20
CA ARG A 64 28.22 9.49 10.12
C ARG A 64 27.85 9.95 8.70
N PHE A 65 26.59 10.31 8.50
CA PHE A 65 26.13 10.68 7.17
C PHE A 65 25.43 12.05 7.20
N PRO A 66 25.59 12.83 6.12
CA PRO A 66 24.92 14.13 6.02
C PRO A 66 23.40 13.94 6.11
N SER A 67 22.70 14.88 6.73
CA SER A 67 21.25 14.82 6.75
C SER A 67 20.72 15.71 5.62
N HIS A 68 19.56 15.38 5.08
CA HIS A 68 19.02 16.14 3.95
C HIS A 68 17.64 16.68 4.28
N ALA A 69 17.58 17.97 4.58
CA ALA A 69 16.34 18.63 4.92
C ALA A 69 15.79 19.38 3.70
N ARG A 70 16.64 19.52 2.68
CA ARG A 70 16.29 20.23 1.45
C ARG A 70 16.97 19.53 0.28
N LEU A 71 16.39 19.67 -0.91
CA LEU A 71 17.00 19.07 -2.08
C LEU A 71 18.40 19.65 -2.26
N PRO A 72 19.36 18.79 -2.63
CA PRO A 72 20.68 19.31 -3.01
C PRO A 72 20.50 20.23 -4.21
N ARG A 73 21.26 21.31 -4.30
CA ARG A 73 21.22 22.14 -5.50
C ARG A 73 21.60 21.32 -6.73
N ALA A 74 22.77 20.67 -6.68
CA ALA A 74 23.18 19.79 -7.78
C ALA A 74 22.92 18.33 -7.42
N GLY A 75 22.54 17.53 -8.41
CA GLY A 75 22.36 16.11 -8.18
C GLY A 75 23.62 15.52 -7.57
N LEU A 76 23.46 14.62 -6.59
CA LEU A 76 24.60 13.94 -5.99
C LEU A 76 24.93 12.68 -6.79
N PRO A 77 26.21 12.27 -6.78
CA PRO A 77 26.55 11.14 -7.64
C PRO A 77 25.83 9.87 -7.20
N ARG A 78 25.33 9.11 -8.17
CA ARG A 78 24.67 7.85 -7.88
C ARG A 78 25.55 6.94 -7.03
N ALA A 79 26.82 6.83 -7.42
CA ALA A 79 27.74 5.93 -6.76
C ALA A 79 27.92 6.27 -5.30
N GLU A 80 27.93 7.57 -4.98
CA GLU A 80 27.99 8.01 -3.59
C GLU A 80 26.71 7.65 -2.84
N ILE A 81 25.58 7.80 -3.51
CA ILE A 81 24.30 7.49 -2.87
C ILE A 81 24.26 6.01 -2.56
N LEU A 82 24.67 5.18 -3.52
CA LEU A 82 24.62 3.74 -3.30
C LEU A 82 25.60 3.32 -2.19
N ALA A 83 26.72 4.03 -2.07
CA ALA A 83 27.71 3.69 -1.05
C ALA A 83 27.17 3.91 0.37
N GLU A 84 26.43 5.00 0.57
CA GLU A 84 25.78 5.27 1.84
C GLU A 84 24.80 4.15 2.19
N ILE A 85 23.91 3.86 1.25
CA ILE A 85 22.90 2.80 1.43
C ILE A 85 23.55 1.43 1.69
N ALA A 86 24.63 1.14 0.97
CA ALA A 86 25.33 -0.13 1.13
C ALA A 86 26.00 -0.23 2.50
N ALA A 87 26.59 0.88 2.94
CA ALA A 87 27.19 0.95 4.26
C ALA A 87 26.16 0.75 5.37
N MET A 88 24.96 1.32 5.17
CA MET A 88 23.89 1.11 6.14
C MET A 88 23.45 -0.37 6.14
N GLY A 89 23.36 -0.96 4.96
CA GLY A 89 23.05 -2.38 4.84
C GLY A 89 24.03 -3.26 5.61
N ALA A 90 25.33 -2.98 5.49
CA ALA A 90 26.37 -3.76 6.18
C ALA A 90 26.20 -3.63 7.69
N ALA A 91 25.78 -2.46 8.13
CA ALA A 91 25.53 -2.25 9.55
C ALA A 91 24.28 -2.98 10.02
N GLU A 92 23.24 -2.98 9.20
CA GLU A 92 21.90 -3.43 9.64
C GLU A 92 21.58 -4.91 9.40
N SER A 93 22.21 -5.52 8.40
CA SER A 93 21.82 -6.87 8.00
C SER A 93 22.23 -8.01 8.98
N PRO A 94 23.38 -7.87 9.67
CA PRO A 94 23.73 -8.98 10.57
C PRO A 94 22.61 -9.34 11.56
N ALA A 95 21.95 -8.35 12.15
CA ALA A 95 20.89 -8.64 13.13
C ALA A 95 19.84 -9.65 12.64
N TRP A 96 19.27 -9.44 11.44
CA TRP A 96 18.32 -10.41 10.90
C TRP A 96 19.00 -11.62 10.26
N ARG A 97 20.15 -11.40 9.63
CA ARG A 97 20.80 -12.49 8.94
C ARG A 97 21.21 -13.59 9.91
N ASP A 98 21.69 -13.18 11.09
CA ASP A 98 22.27 -14.14 12.04
C ASP A 98 21.23 -14.67 13.02
N GLY A 99 19.97 -14.35 12.77
CA GLY A 99 18.86 -14.94 13.50
C GLY A 99 18.52 -14.29 14.83
N TYR A 100 18.86 -13.02 15.00
CA TYR A 100 18.55 -12.33 16.25
C TYR A 100 17.16 -11.67 16.27
N ALA A 101 16.50 -11.60 15.11
CA ALA A 101 15.23 -10.90 15.03
C ALA A 101 14.03 -11.83 15.04
N SER A 102 13.12 -11.61 15.99
CA SER A 102 11.82 -12.26 15.94
C SER A 102 11.11 -11.79 14.66
N GLY A 103 10.59 -12.72 13.88
CA GLY A 103 9.90 -12.37 12.64
C GLY A 103 10.77 -11.45 11.78
N ALA A 104 10.17 -10.42 11.19
CA ALA A 104 10.91 -9.35 10.52
C ALA A 104 11.47 -9.74 9.15
N VAL A 105 12.32 -10.77 9.14
CA VAL A 105 12.80 -11.38 7.88
C VAL A 105 12.49 -12.88 7.90
N TYR A 106 11.68 -13.32 6.96
CA TYR A 106 11.10 -14.67 6.98
C TYR A 106 11.91 -15.74 6.26
N HIS A 107 12.65 -15.35 5.23
CA HIS A 107 13.51 -16.31 4.53
C HIS A 107 14.95 -15.94 4.83
N GLY A 108 15.41 -14.82 4.26
CA GLY A 108 16.71 -14.27 4.60
C GLY A 108 17.91 -14.92 3.92
N ASP A 109 17.66 -15.94 3.09
CA ASP A 109 18.77 -16.60 2.42
C ASP A 109 19.32 -15.78 1.27
N GLU A 110 20.64 -15.76 1.16
CA GLU A 110 21.38 -14.96 0.19
C GLU A 110 20.94 -15.22 -1.25
N HIS A 111 20.84 -16.50 -1.63
CA HIS A 111 20.46 -16.83 -2.99
C HIS A 111 18.98 -16.55 -3.27
N HIS A 112 18.12 -16.81 -2.30
CA HIS A 112 16.69 -16.51 -2.45
C HIS A 112 16.50 -15.01 -2.64
N ILE A 113 17.18 -14.22 -1.83
CA ILE A 113 17.08 -12.77 -1.91
C ILE A 113 17.59 -12.23 -3.26
N ALA A 114 18.76 -12.71 -3.70
CA ALA A 114 19.33 -12.27 -4.98
C ALA A 114 18.38 -12.62 -6.10
N PHE A 115 17.71 -13.76 -5.96
CA PHE A 115 16.69 -14.19 -6.92
C PHE A 115 15.52 -13.19 -6.98
N LEU A 116 14.93 -12.86 -5.83
CA LEU A 116 13.80 -11.92 -5.83
C LEU A 116 14.24 -10.51 -6.24
N ASN A 117 15.49 -10.14 -5.93
CA ASN A 117 15.96 -8.82 -6.35
C ASN A 117 15.98 -8.70 -7.87
N GLU A 118 16.30 -9.79 -8.56
CA GLU A 118 16.36 -9.80 -10.02
C GLU A 118 14.94 -9.84 -10.59
N VAL A 119 14.03 -10.55 -9.92
CA VAL A 119 12.61 -10.46 -10.27
C VAL A 119 12.16 -8.99 -10.21
N TYR A 120 12.48 -8.33 -9.11
CA TYR A 120 12.16 -6.90 -8.99
C TYR A 120 12.73 -6.11 -10.15
N ALA A 121 14.03 -6.27 -10.40
CA ALA A 121 14.70 -5.56 -11.48
C ALA A 121 13.95 -5.72 -12.79
N LEU A 122 13.57 -6.94 -13.12
CA LEU A 122 12.97 -7.24 -14.41
C LEU A 122 11.56 -6.65 -14.51
N GLN A 123 10.88 -6.47 -13.38
CA GLN A 123 9.51 -5.97 -13.38
C GLN A 123 9.40 -4.55 -12.79
N SER A 124 10.53 -3.86 -12.65
CA SER A 124 10.56 -2.68 -11.81
C SER A 124 9.60 -1.57 -12.24
N GLN A 125 9.34 -1.47 -13.54
CA GLN A 125 8.48 -0.41 -14.10
C GLN A 125 6.99 -0.76 -14.05
N SER A 126 6.68 -1.98 -13.64
CA SER A 126 5.30 -2.48 -13.70
C SER A 126 4.35 -1.72 -12.77
N ASN A 127 3.23 -1.28 -13.32
CA ASN A 127 2.14 -0.69 -12.54
C ASN A 127 0.84 -1.33 -12.99
N PRO A 128 0.32 -2.26 -12.17
CA PRO A 128 -0.85 -3.11 -12.47
C PRO A 128 -2.13 -2.30 -12.64
N LEU A 129 -2.08 -0.99 -12.40
CA LEU A 129 -3.17 -0.10 -12.77
C LEU A 129 -3.33 -0.09 -14.31
N HIS A 130 -2.28 -0.50 -15.00
CA HIS A 130 -2.28 -0.56 -16.47
C HIS A 130 -2.06 -2.00 -16.99
N PRO A 131 -3.10 -2.85 -16.90
CA PRO A 131 -2.98 -4.25 -17.33
C PRO A 131 -2.61 -4.35 -18.81
N ASP A 132 -2.98 -3.33 -19.58
CA ASP A 132 -2.71 -3.31 -21.02
C ASP A 132 -1.21 -3.15 -21.30
N LEU A 133 -0.49 -2.48 -20.40
CA LEU A 133 0.95 -2.30 -20.58
C LEU A 133 1.73 -3.44 -19.93
N TRP A 134 1.18 -3.98 -18.85
CA TRP A 134 1.86 -5.04 -18.12
C TRP A 134 0.99 -6.28 -17.90
N PRO A 135 0.65 -6.97 -19.01
CA PRO A 135 -0.13 -8.21 -18.88
C PRO A 135 0.62 -9.22 -18.02
N SER A 136 1.94 -9.15 -18.03
CA SER A 136 2.73 -10.08 -17.23
C SER A 136 2.22 -10.04 -15.77
N THR A 137 2.10 -8.83 -15.23
CA THR A 137 1.83 -8.65 -13.82
C THR A 137 0.41 -9.09 -13.44
N ALA A 138 -0.55 -8.87 -14.33
CA ALA A 138 -1.92 -9.34 -14.12
C ALA A 138 -1.97 -10.87 -14.08
N LYS A 139 -1.15 -11.51 -14.91
CA LYS A 139 -1.03 -12.96 -14.87
C LYS A 139 -0.42 -13.39 -13.51
N PHE A 140 0.62 -12.69 -13.06
CA PHE A 140 1.26 -13.03 -11.79
C PHE A 140 0.25 -12.92 -10.63
N GLU A 141 -0.53 -11.85 -10.60
CA GLU A 141 -1.51 -11.70 -9.52
C GLU A 141 -2.64 -12.74 -9.58
N ALA A 142 -3.17 -12.97 -10.78
CA ALA A 142 -4.17 -14.02 -10.99
C ALA A 142 -3.68 -15.37 -10.47
N GLU A 143 -2.42 -15.69 -10.76
CA GLU A 143 -1.83 -16.98 -10.38
C GLU A 143 -1.46 -17.09 -8.91
N VAL A 144 -0.95 -16.01 -8.32
CA VAL A 144 -0.75 -15.99 -6.87
C VAL A 144 -2.08 -16.25 -6.16
N VAL A 145 -3.13 -15.57 -6.59
CA VAL A 145 -4.43 -15.76 -5.96
C VAL A 145 -4.93 -17.20 -6.13
N ALA A 146 -4.87 -17.72 -7.34
CA ALA A 146 -5.32 -19.09 -7.61
C ALA A 146 -4.58 -20.16 -6.77
N MET A 147 -3.24 -20.09 -6.78
CA MET A 147 -2.41 -21.04 -6.05
C MET A 147 -2.64 -20.96 -4.54
N THR A 148 -2.74 -19.74 -4.02
CA THR A 148 -3.03 -19.54 -2.60
C THR A 148 -4.42 -20.09 -2.23
N ALA A 149 -5.43 -19.79 -3.03
CA ALA A 149 -6.77 -20.31 -2.81
C ALA A 149 -6.77 -21.84 -2.78
N HIS A 150 -6.12 -22.47 -3.76
CA HIS A 150 -6.03 -23.92 -3.78
C HIS A 150 -5.34 -24.48 -2.53
N MET A 151 -4.27 -23.84 -2.12
CA MET A 151 -3.55 -24.24 -0.92
C MET A 151 -4.45 -24.15 0.31
N LEU A 152 -5.38 -23.20 0.32
CA LEU A 152 -6.24 -22.99 1.48
C LEU A 152 -7.64 -23.60 1.35
N GLY A 153 -7.75 -24.73 0.67
CA GLY A 153 -8.99 -25.49 0.64
C GLY A 153 -10.04 -24.96 -0.33
N GLY A 154 -9.63 -24.07 -1.23
CA GLY A 154 -10.56 -23.46 -2.18
C GLY A 154 -11.37 -24.46 -2.99
N ASP A 155 -10.76 -25.58 -3.37
CA ASP A 155 -11.46 -26.60 -4.14
C ASP A 155 -12.66 -27.15 -3.37
N ALA A 156 -12.61 -27.08 -2.04
CA ALA A 156 -13.69 -27.56 -1.19
C ALA A 156 -14.93 -26.67 -1.29
N ALA A 157 -14.73 -25.43 -1.68
CA ALA A 157 -15.83 -24.48 -1.85
C ALA A 157 -16.56 -24.71 -3.16
N GLY A 158 -15.99 -25.56 -4.01
CA GLY A 158 -16.61 -25.87 -5.28
C GLY A 158 -16.02 -25.07 -6.42
N GLY A 159 -14.89 -24.42 -6.16
CA GLY A 159 -14.21 -23.65 -7.19
C GLY A 159 -14.72 -22.23 -7.37
N THR A 160 -15.45 -21.72 -6.37
CA THR A 160 -15.91 -20.33 -6.42
C THR A 160 -14.97 -19.37 -5.67
N VAL A 161 -13.98 -19.92 -4.97
CA VAL A 161 -13.08 -19.07 -4.19
C VAL A 161 -12.31 -18.14 -5.12
N CYS A 162 -12.24 -16.87 -4.74
CA CYS A 162 -11.61 -15.84 -5.56
C CYS A 162 -10.95 -14.83 -4.63
N GLY A 163 -10.32 -13.81 -5.19
CA GLY A 163 -9.67 -12.82 -4.35
C GLY A 163 -8.68 -11.93 -5.08
N THR A 164 -7.86 -11.20 -4.34
CA THR A 164 -6.94 -10.26 -4.95
C THR A 164 -5.63 -10.24 -4.19
N VAL A 165 -4.59 -9.75 -4.84
CA VAL A 165 -3.35 -9.51 -4.14
C VAL A 165 -3.51 -8.15 -3.48
N THR A 166 -2.93 -7.98 -2.29
CA THR A 166 -2.98 -6.71 -1.59
C THR A 166 -1.55 -6.34 -1.21
N SER A 167 -1.39 -5.21 -0.51
CA SER A 167 -0.08 -4.73 -0.12
C SER A 167 0.44 -5.35 1.17
N GLY A 168 -0.38 -6.12 1.87
CA GLY A 168 0.00 -6.63 3.18
C GLY A 168 -1.17 -7.16 3.97
N GLY A 169 -0.89 -7.79 5.09
CA GLY A 169 -1.92 -8.41 5.90
C GLY A 169 -2.92 -7.38 6.37
N THR A 170 -2.42 -6.20 6.75
CA THR A 170 -3.28 -5.11 7.21
C THR A 170 -4.28 -4.74 6.13
N GLU A 171 -3.81 -4.55 4.90
CA GLU A 171 -4.74 -4.23 3.84
C GLU A 171 -5.75 -5.36 3.59
N SER A 172 -5.29 -6.61 3.63
CA SER A 172 -6.21 -7.74 3.47
C SER A 172 -7.32 -7.70 4.53
N LEU A 173 -6.95 -7.43 5.78
CA LEU A 173 -7.94 -7.32 6.85
C LEU A 173 -8.89 -6.14 6.66
N LEU A 174 -8.33 -4.98 6.34
CA LEU A 174 -9.16 -3.79 6.09
C LEU A 174 -10.18 -4.03 4.99
N LEU A 175 -9.72 -4.60 3.87
CA LEU A 175 -10.60 -4.89 2.73
C LEU A 175 -11.72 -5.83 3.13
N ALA A 176 -11.38 -6.88 3.86
CA ALA A 176 -12.39 -7.87 4.26
C ALA A 176 -13.44 -7.21 5.16
N MET A 177 -12.99 -6.38 6.09
CA MET A 177 -13.90 -5.68 7.00
C MET A 177 -14.84 -4.74 6.24
N LYS A 178 -14.27 -3.92 5.34
CA LYS A 178 -15.07 -3.04 4.51
C LYS A 178 -16.07 -3.82 3.66
N THR A 179 -15.61 -4.93 3.11
CA THR A 179 -16.46 -5.79 2.29
C THR A 179 -17.69 -6.32 3.04
N TYR A 180 -17.52 -6.84 4.26
CA TYR A 180 -18.66 -7.29 5.05
C TYR A 180 -19.58 -6.13 5.41
N ARG A 181 -18.99 -4.97 5.66
CA ARG A 181 -19.78 -3.76 5.92
C ARG A 181 -20.70 -3.45 4.74
N ASP A 182 -20.13 -3.34 3.55
CA ASP A 182 -20.89 -2.96 2.37
C ASP A 182 -21.89 -4.05 1.99
N TRP A 183 -21.45 -5.31 2.07
CA TRP A 183 -22.31 -6.45 1.80
C TRP A 183 -23.53 -6.45 2.72
N ALA A 184 -23.30 -6.23 4.01
CA ALA A 184 -24.38 -6.22 4.98
C ALA A 184 -25.34 -5.04 4.81
N ARG A 185 -24.80 -3.89 4.42
CA ARG A 185 -25.68 -2.76 4.18
C ARG A 185 -26.58 -3.05 3.00
N ALA A 186 -25.98 -3.55 1.91
CA ALA A 186 -26.70 -3.80 0.67
C ALA A 186 -27.70 -4.93 0.79
N THR A 187 -27.35 -6.00 1.50
CA THR A 187 -28.18 -7.20 1.47
C THR A 187 -28.95 -7.48 2.75
N LYS A 188 -28.58 -6.85 3.86
CA LYS A 188 -29.26 -7.08 5.15
C LYS A 188 -29.81 -5.80 5.78
N GLY A 189 -29.63 -4.67 5.10
CA GLY A 189 -30.12 -3.39 5.61
C GLY A 189 -29.43 -2.93 6.89
N ILE A 190 -28.24 -3.44 7.16
CA ILE A 190 -27.52 -3.06 8.37
C ILE A 190 -26.70 -1.79 8.13
N THR A 191 -26.98 -0.76 8.92
CA THR A 191 -26.33 0.56 8.76
C THR A 191 -25.47 0.95 9.96
N ALA A 192 -25.56 0.18 11.04
CA ALA A 192 -24.68 0.38 12.18
C ALA A 192 -23.93 -0.94 12.43
N PRO A 193 -23.04 -1.30 11.49
CA PRO A 193 -22.41 -2.62 11.49
C PRO A 193 -21.54 -2.87 12.72
N GLU A 194 -21.43 -4.12 13.11
CA GLU A 194 -20.58 -4.54 14.21
C GLU A 194 -19.78 -5.76 13.77
N ALA A 195 -18.64 -5.98 14.41
CA ALA A 195 -17.81 -7.13 14.13
C ALA A 195 -17.35 -7.68 15.47
N VAL A 196 -17.40 -8.99 15.60
CA VAL A 196 -16.97 -9.65 16.83
C VAL A 196 -15.68 -10.45 16.62
N VAL A 197 -14.63 -10.09 17.36
CA VAL A 197 -13.35 -10.77 17.26
C VAL A 197 -12.75 -10.94 18.67
N PRO A 198 -11.85 -11.92 18.83
CA PRO A 198 -11.26 -12.14 20.16
C PRO A 198 -10.24 -11.03 20.47
N VAL A 199 -9.93 -10.81 21.75
CA VAL A 199 -9.03 -9.72 22.12
C VAL A 199 -7.66 -9.90 21.47
N SER A 200 -7.33 -11.14 21.11
CA SER A 200 -6.03 -11.45 20.50
C SER A 200 -5.95 -11.07 19.02
N ALA A 201 -7.11 -10.86 18.39
CA ALA A 201 -7.12 -10.57 16.94
C ALA A 201 -6.31 -9.31 16.65
N HIS A 202 -5.70 -9.25 15.46
CA HIS A 202 -4.70 -8.21 15.17
C HIS A 202 -5.23 -6.82 15.42
N ALA A 203 -4.33 -5.92 15.79
CA ALA A 203 -4.66 -4.51 16.01
C ALA A 203 -5.31 -3.86 14.78
N ALA A 204 -4.99 -4.38 13.59
CA ALA A 204 -5.60 -3.86 12.36
C ALA A 204 -7.13 -3.94 12.36
N PHE A 205 -7.72 -4.81 13.17
CA PHE A 205 -9.20 -4.85 13.23
C PHE A 205 -9.76 -3.56 13.81
N ASP A 206 -9.03 -2.98 14.76
CA ASP A 206 -9.41 -1.69 15.31
C ASP A 206 -9.22 -0.58 14.29
N LYS A 207 -8.21 -0.72 13.44
CA LYS A 207 -7.97 0.22 12.36
C LYS A 207 -9.17 0.19 11.43
N ALA A 208 -9.54 -1.00 10.98
CA ALA A 208 -10.72 -1.18 10.14
C ALA A 208 -11.97 -0.58 10.78
N ALA A 209 -12.17 -0.83 12.07
CA ALA A 209 -13.36 -0.32 12.78
C ALA A 209 -13.43 1.20 12.75
N GLN A 210 -12.32 1.85 13.08
CA GLN A 210 -12.26 3.31 13.13
C GLN A 210 -12.36 3.91 11.74
N TYR A 211 -11.74 3.28 10.73
CA TYR A 211 -11.79 3.77 9.34
C TYR A 211 -13.20 3.71 8.79
N PHE A 212 -13.79 2.53 8.84
CA PHE A 212 -15.04 2.23 8.14
C PHE A 212 -16.30 2.35 9.00
N GLY A 213 -16.17 2.84 10.22
CA GLY A 213 -17.33 3.05 11.07
C GLY A 213 -18.00 1.73 11.47
N ILE A 214 -17.18 0.77 11.90
CA ILE A 214 -17.71 -0.50 12.36
C ILE A 214 -17.47 -0.60 13.85
N LYS A 215 -18.47 -1.04 14.60
CA LYS A 215 -18.26 -1.20 16.04
C LYS A 215 -17.54 -2.51 16.29
N LEU A 216 -16.32 -2.44 16.80
CA LEU A 216 -15.58 -3.65 17.10
C LEU A 216 -15.86 -4.13 18.52
N VAL A 217 -16.30 -5.38 18.63
CA VAL A 217 -16.52 -5.98 19.95
C VAL A 217 -15.45 -7.06 20.17
N ARG A 218 -14.56 -6.81 21.11
CA ARG A 218 -13.51 -7.77 21.41
C ARG A 218 -13.88 -8.68 22.60
N THR A 219 -13.74 -9.98 22.41
CA THR A 219 -14.20 -10.97 23.40
C THR A 219 -13.03 -11.70 24.06
N PRO A 220 -13.25 -12.25 25.27
CA PRO A 220 -12.20 -12.84 26.11
C PRO A 220 -11.66 -14.17 25.60
N LEU A 221 -10.49 -14.54 26.10
CA LEU A 221 -9.85 -15.81 25.76
C LEU A 221 -10.10 -16.83 26.85
N ASP A 222 -10.04 -18.10 26.49
CA ASP A 222 -10.04 -19.14 27.51
C ASP A 222 -8.64 -19.33 28.13
N ALA A 223 -8.48 -20.39 28.91
CA ALA A 223 -7.26 -20.64 29.66
C ALA A 223 -6.07 -20.96 28.75
N ASP A 224 -6.39 -21.40 27.53
CA ASP A 224 -5.36 -21.80 26.58
C ASP A 224 -5.09 -20.66 25.61
N TYR A 225 -5.55 -19.46 25.96
CA TYR A 225 -5.35 -18.26 25.13
C TYR A 225 -6.00 -18.36 23.75
N ARG A 226 -6.98 -19.24 23.62
CA ARG A 226 -7.78 -19.30 22.40
C ARG A 226 -9.13 -18.63 22.65
N ALA A 227 -9.75 -18.10 21.60
CA ALA A 227 -11.04 -17.43 21.74
C ALA A 227 -12.07 -18.29 22.48
N ASP A 228 -12.75 -17.67 23.44
CA ASP A 228 -13.90 -18.24 24.13
C ASP A 228 -15.11 -18.05 23.22
N VAL A 229 -15.54 -19.12 22.57
CA VAL A 229 -16.58 -19.02 21.55
C VAL A 229 -17.95 -18.67 22.13
N ALA A 230 -18.23 -19.15 23.34
CA ALA A 230 -19.46 -18.79 24.04
C ALA A 230 -19.58 -17.27 24.20
N ALA A 231 -18.46 -16.63 24.54
CA ALA A 231 -18.44 -15.19 24.68
C ALA A 231 -18.70 -14.50 23.33
N MET A 232 -18.25 -15.15 22.25
CA MET A 232 -18.46 -14.60 20.92
C MET A 232 -19.94 -14.69 20.54
N ARG A 233 -20.54 -15.84 20.82
CA ARG A 233 -21.97 -16.00 20.60
C ARG A 233 -22.75 -14.93 21.36
N GLU A 234 -22.44 -14.77 22.64
CA GLU A 234 -23.12 -13.75 23.46
C GLU A 234 -23.01 -12.33 22.90
N ALA A 235 -21.93 -12.03 22.19
CA ALA A 235 -21.66 -10.67 21.70
C ALA A 235 -22.35 -10.36 20.37
N ILE A 236 -22.87 -11.40 19.71
CA ILE A 236 -23.54 -11.21 18.43
C ILE A 236 -24.89 -10.52 18.62
N THR A 237 -25.15 -9.51 17.80
CA THR A 237 -26.45 -8.83 17.75
C THR A 237 -26.96 -8.82 16.32
N PRO A 238 -28.18 -8.28 16.10
CA PRO A 238 -28.70 -8.20 14.72
C PRO A 238 -27.81 -7.33 13.81
N ASN A 239 -26.95 -6.49 14.39
CA ASN A 239 -26.08 -5.61 13.61
C ASN A 239 -24.69 -6.18 13.31
N THR A 240 -24.41 -7.37 13.82
CA THR A 240 -23.12 -8.00 13.59
C THR A 240 -23.02 -8.44 12.13
N VAL A 241 -21.93 -8.11 11.47
CA VAL A 241 -21.78 -8.50 10.07
C VAL A 241 -20.72 -9.57 9.83
N VAL A 242 -19.81 -9.71 10.79
CA VAL A 242 -18.74 -10.70 10.66
C VAL A 242 -18.20 -11.06 12.04
N VAL A 243 -17.72 -12.29 12.19
CA VAL A 243 -16.89 -12.71 13.31
C VAL A 243 -15.56 -13.16 12.73
N ALA A 244 -14.51 -13.09 13.53
CA ALA A 244 -13.20 -13.52 13.03
C ALA A 244 -12.49 -14.44 14.01
N GLY A 245 -11.57 -15.24 13.47
CA GLY A 245 -10.68 -16.05 14.26
C GLY A 245 -9.29 -15.92 13.66
N SER A 246 -8.26 -16.14 14.47
CA SER A 246 -6.88 -16.04 13.99
C SER A 246 -6.23 -17.42 13.88
N ALA A 247 -5.40 -17.58 12.86
CA ALA A 247 -4.85 -18.89 12.56
C ALA A 247 -3.39 -18.77 12.12
N PRO A 248 -2.49 -18.49 13.09
CA PRO A 248 -2.81 -18.25 14.48
C PRO A 248 -2.77 -16.75 14.75
N GLY A 249 -3.16 -16.34 15.95
CA GLY A 249 -3.00 -14.96 16.38
C GLY A 249 -1.54 -14.58 16.58
N TY2 A 250 -1.24 -13.29 16.44
N TY2 A 250 -1.25 -13.29 16.44
CA TY2 A 250 0.12 -12.80 16.54
CA TY2 A 250 0.11 -12.80 16.53
C TY2 A 250 0.72 -12.82 17.95
C TY2 A 250 0.72 -12.81 17.95
O TY2 A 250 1.84 -13.15 18.11
O TY2 A 250 1.85 -13.11 18.10
CB TY2 A 250 0.22 -11.38 15.97
CB TY2 A 250 0.25 -11.41 15.90
CG TY2 A 250 0.14 -11.16 14.44
CG TY2 A 250 1.53 -10.63 16.24
CD1 TY2 A 250 1.13 -10.34 13.78
CD1 TY2 A 250 2.64 -10.65 15.32
CD2 TY2 A 250 -0.93 -11.72 13.70
CD2 TY2 A 250 1.61 -9.91 17.45
CE1 TY2 A 250 1.04 -10.10 12.33
CE1 TY2 A 250 3.88 -9.92 15.64
CE2 TY2 A 250 -1.02 -11.46 12.20
CE2 TY2 A 250 2.90 -9.16 17.78
CZ TY2 A 250 -0.05 -10.67 11.56
CZ TY2 A 250 3.97 -9.17 16.90
OH TY2 A 250 -0.14 -10.41 10.18
OH TY2 A 250 5.15 -8.47 17.22
NE2 TY2 A 250 -2.10 -12.04 11.43
NE2 TY2 A 250 3.01 -8.42 19.03
N PRO A 251 -0.07 -12.43 18.97
CA PRO A 251 0.54 -12.33 20.29
C PRO A 251 1.15 -13.65 20.76
N HIS A 252 0.38 -14.74 20.68
CA HIS A 252 0.76 -15.98 21.36
C HIS A 252 0.87 -17.16 20.43
N GLY A 253 0.72 -16.92 19.14
CA GLY A 253 0.86 -17.97 18.15
C GLY A 253 -0.09 -19.16 18.25
N VAL A 254 -1.25 -18.95 18.87
CA VAL A 254 -2.23 -20.04 18.95
C VAL A 254 -3.35 -19.87 17.94
N VAL A 255 -3.89 -20.99 17.47
CA VAL A 255 -4.93 -20.99 16.48
C VAL A 255 -6.27 -21.04 17.21
N ASP A 256 -7.16 -20.10 16.89
CA ASP A 256 -8.48 -20.08 17.49
C ASP A 256 -9.29 -21.29 17.02
N PRO A 257 -10.40 -21.59 17.71
CA PRO A 257 -11.26 -22.71 17.31
C PRO A 257 -12.07 -22.35 16.08
N ILE A 258 -11.42 -22.38 14.91
CA ILE A 258 -12.04 -21.92 13.68
C ILE A 258 -13.34 -22.67 13.32
N PRO A 259 -13.33 -24.01 13.41
CA PRO A 259 -14.55 -24.76 13.10
C PRO A 259 -15.78 -24.28 13.89
N GLU A 260 -15.65 -24.07 15.20
CA GLU A 260 -16.78 -23.55 15.96
C GLU A 260 -17.13 -22.11 15.61
N ILE A 261 -16.12 -21.29 15.34
CA ILE A 261 -16.38 -19.90 14.99
C ILE A 261 -17.11 -19.85 13.65
N ALA A 262 -16.64 -20.65 12.70
CA ALA A 262 -17.27 -20.73 11.38
C ALA A 262 -18.71 -21.22 11.49
N ALA A 263 -18.94 -22.19 12.38
CA ALA A 263 -20.29 -22.72 12.59
C ALA A 263 -21.16 -21.66 13.25
N LEU A 264 -20.61 -20.94 14.22
CA LEU A 264 -21.31 -19.82 14.85
C LEU A 264 -21.80 -18.84 13.78
N ALA A 265 -20.87 -18.41 12.93
CA ALA A 265 -21.19 -17.44 11.87
C ALA A 265 -22.31 -17.93 10.95
N ALA A 266 -22.16 -19.14 10.43
CA ALA A 266 -23.12 -19.71 9.50
C ALA A 266 -24.51 -19.81 10.11
N GLU A 267 -24.57 -20.25 11.36
CA GLU A 267 -25.83 -20.29 12.12
C GLU A 267 -26.52 -18.93 12.15
N HIS A 268 -25.72 -17.86 12.19
CA HIS A 268 -26.27 -16.51 12.27
C HIS A 268 -26.35 -15.81 10.91
N GLY A 269 -25.99 -16.51 9.84
CA GLY A 269 -25.97 -15.90 8.52
C GLY A 269 -25.08 -14.67 8.42
N ILE A 270 -23.90 -14.71 9.04
CA ILE A 270 -22.96 -13.60 8.94
C ILE A 270 -21.63 -14.15 8.44
N GLY A 271 -20.72 -13.26 8.07
CA GLY A 271 -19.42 -13.68 7.57
C GLY A 271 -18.52 -14.25 8.65
N CYS A 272 -17.57 -15.07 8.23
CA CYS A 272 -16.50 -15.53 9.12
C CYS A 272 -15.18 -15.31 8.42
N HIS A 273 -14.37 -14.40 8.94
CA HIS A 273 -13.05 -14.15 8.40
C HIS A 273 -11.98 -14.87 9.21
N VAL A 274 -11.10 -15.60 8.53
CA VAL A 274 -9.97 -16.24 9.19
C VAL A 274 -8.73 -15.43 8.86
N ASP A 275 -8.12 -14.84 9.88
CA ASP A 275 -6.86 -14.14 9.69
C ASP A 275 -5.72 -15.16 9.69
N ALA A 276 -5.38 -15.64 8.50
CA ALA A 276 -4.25 -16.57 8.37
C ALA A 276 -3.04 -15.84 7.80
N CYS A 277 -2.94 -14.54 8.07
CA CYS A 277 -1.81 -13.78 7.55
C CYS A 277 -0.52 -14.45 7.95
N LEU A 278 -0.47 -14.89 9.20
CA LEU A 278 0.74 -15.45 9.79
C LEU A 278 0.86 -16.97 9.54
N GLY A 279 -0.28 -17.66 9.43
CA GLY A 279 -0.28 -19.11 9.36
C GLY A 279 -0.60 -19.74 8.01
N GLY A 280 -1.06 -18.94 7.06
CA GLY A 280 -1.56 -19.46 5.79
C GLY A 280 -0.54 -20.23 4.98
N PHE A 281 0.72 -19.80 5.05
CA PHE A 281 1.80 -20.53 4.39
C PHE A 281 2.59 -21.47 5.31
N ILE A 282 2.04 -21.76 6.48
CA ILE A 282 2.67 -22.70 7.41
C ILE A 282 1.73 -23.86 7.75
N LEU A 283 0.55 -23.51 8.23
CA LEU A 283 -0.45 -24.47 8.72
C LEU A 283 -0.79 -25.62 7.73
N PRO A 284 -1.03 -25.32 6.44
CA PRO A 284 -1.32 -26.42 5.52
C PRO A 284 -0.17 -27.44 5.46
N TRP A 285 1.07 -26.98 5.58
CA TRP A 285 2.23 -27.88 5.55
C TRP A 285 2.43 -28.59 6.88
N ALA A 286 2.21 -27.88 7.98
CA ALA A 286 2.27 -28.49 9.31
C ALA A 286 1.29 -29.65 9.38
N GLU A 287 0.11 -29.44 8.79
CA GLU A 287 -0.94 -30.44 8.79
C GLU A 287 -0.46 -31.70 8.07
N ARG A 288 0.21 -31.52 6.94
CA ARG A 288 0.71 -32.65 6.16
C ARG A 288 1.93 -33.31 6.83
N LEU A 289 2.65 -32.57 7.65
CA LEU A 289 3.80 -33.12 8.37
C LEU A 289 3.37 -33.90 9.63
N GLY A 290 2.08 -33.85 9.95
CA GLY A 290 1.57 -34.60 11.07
C GLY A 290 1.31 -33.83 12.34
N TYR A 291 1.51 -32.51 12.31
CA TYR A 291 1.25 -31.69 13.50
C TYR A 291 -0.24 -31.52 13.73
N PRO A 292 -0.64 -31.30 14.99
CA PRO A 292 -2.06 -31.14 15.32
C PRO A 292 -2.59 -29.80 14.83
N VAL A 293 -3.25 -29.81 13.68
CA VAL A 293 -3.94 -28.61 13.21
C VAL A 293 -5.27 -28.94 12.56
N PRO A 294 -6.36 -28.50 13.19
CA PRO A 294 -7.72 -28.70 12.66
C PRO A 294 -7.95 -27.80 11.46
N PRO A 295 -9.01 -28.09 10.67
CA PRO A 295 -9.24 -27.23 9.51
C PRO A 295 -9.41 -25.78 9.94
N PHE A 296 -8.90 -24.85 9.15
CA PHE A 296 -8.96 -23.43 9.49
C PHE A 296 -9.31 -22.60 8.26
N ASP A 297 -9.64 -23.27 7.16
CA ASP A 297 -9.79 -22.57 5.89
C ASP A 297 -11.11 -22.87 5.19
N PHE A 298 -11.13 -22.78 3.86
CA PHE A 298 -12.37 -22.93 3.11
C PHE A 298 -12.95 -24.34 3.14
N ARG A 299 -12.19 -25.28 3.71
CA ARG A 299 -12.73 -26.61 3.99
C ARG A 299 -13.92 -26.48 4.93
N LEU A 300 -13.93 -25.42 5.73
CA LEU A 300 -15.05 -25.17 6.63
C LEU A 300 -16.15 -24.40 5.91
N GLU A 301 -17.37 -24.92 5.94
CA GLU A 301 -18.45 -24.34 5.16
C GLU A 301 -18.72 -22.88 5.50
N GLY A 302 -18.63 -22.55 6.78
CA GLY A 302 -18.93 -21.21 7.25
C GLY A 302 -17.85 -20.15 7.05
N VAL A 303 -16.66 -20.59 6.66
CA VAL A 303 -15.59 -19.63 6.40
C VAL A 303 -15.89 -18.90 5.08
N THR A 304 -15.96 -17.58 5.13
CA THR A 304 -16.32 -16.80 3.95
C THR A 304 -15.16 -15.98 3.38
N SER A 305 -14.09 -15.81 4.16
CA SER A 305 -12.88 -15.18 3.63
C SER A 305 -11.69 -15.54 4.47
N VAL A 306 -10.52 -15.47 3.86
CA VAL A 306 -9.26 -15.81 4.52
C VAL A 306 -8.20 -14.86 4.02
N SER A 307 -7.41 -14.31 4.93
CA SER A 307 -6.24 -13.53 4.51
C SER A 307 -4.99 -14.38 4.75
N ALA A 308 -4.02 -14.26 3.84
CA ALA A 308 -2.74 -14.96 3.98
C ALA A 308 -1.61 -14.10 3.41
N ASP A 309 -0.49 -14.05 4.12
CA ASP A 309 0.57 -13.15 3.71
C ASP A 309 1.68 -13.86 2.94
N THR A 310 1.77 -13.52 1.68
CA THR A 310 2.84 -14.02 0.84
C THR A 310 4.16 -13.41 1.29
N HIS A 311 4.11 -12.24 1.92
CA HIS A 311 5.37 -11.60 2.33
C HIS A 311 5.83 -12.01 3.73
N LYS A 312 5.08 -12.91 4.35
CA LYS A 312 5.55 -13.54 5.57
C LYS A 312 6.10 -14.90 5.18
N TYR A 313 5.39 -15.98 5.50
CA TYR A 313 5.96 -17.31 5.23
C TYR A 313 5.78 -17.80 3.81
N GLY A 314 5.21 -16.95 2.95
CA GLY A 314 5.21 -17.21 1.52
C GLY A 314 6.60 -16.99 0.94
N TYR A 315 7.42 -16.25 1.68
CA TYR A 315 8.79 -15.85 1.30
C TYR A 315 8.89 -14.93 0.07
N GLY A 316 7.81 -14.21 -0.22
CA GLY A 316 7.89 -13.16 -1.23
C GLY A 316 8.56 -11.94 -0.60
N ALA A 317 8.83 -10.91 -1.41
CA ALA A 317 9.39 -9.67 -0.89
C ALA A 317 8.31 -8.91 -0.13
N LYS A 318 8.72 -8.03 0.77
CA LYS A 318 7.75 -7.25 1.54
C LYS A 318 6.86 -6.43 0.62
N GLY A 319 5.58 -6.36 0.94
CA GLY A 319 4.66 -5.54 0.17
C GLY A 319 3.55 -6.30 -0.54
N THR A 320 3.32 -7.56 -0.17
CA THR A 320 2.22 -8.34 -0.76
C THR A 320 1.53 -9.26 0.24
N SER A 321 0.24 -9.47 -0.01
CA SER A 321 -0.56 -10.41 0.76
C SER A 321 -1.73 -10.83 -0.13
N VAL A 322 -2.57 -11.72 0.36
CA VAL A 322 -3.70 -12.16 -0.44
C VAL A 322 -4.96 -12.10 0.43
N ILE A 323 -6.05 -11.61 -0.15
CA ILE A 323 -7.37 -11.73 0.49
C ILE A 323 -8.24 -12.63 -0.40
N LEU A 324 -8.84 -13.65 0.20
CA LEU A 324 -9.67 -14.59 -0.54
C LEU A 324 -11.09 -14.56 0.00
N TYR A 325 -12.08 -14.70 -0.88
CA TYR A 325 -13.49 -14.77 -0.49
C TYR A 325 -14.06 -16.07 -1.01
N ARG A 326 -15.08 -16.57 -0.32
CA ARG A 326 -15.71 -17.83 -0.72
C ARG A 326 -16.42 -17.74 -2.07
N ARG A 327 -17.02 -16.59 -2.38
CA ARG A 327 -17.77 -16.43 -3.63
C ARG A 327 -17.53 -15.04 -4.23
N PRO A 328 -17.71 -14.91 -5.56
CA PRO A 328 -17.57 -13.62 -6.24
C PRO A 328 -18.56 -12.56 -5.76
N ASP A 329 -19.77 -12.96 -5.36
CA ASP A 329 -20.76 -11.97 -4.93
C ASP A 329 -20.22 -11.17 -3.73
N LEU A 330 -19.33 -11.79 -2.97
CA LEU A 330 -18.68 -11.16 -1.83
C LEU A 330 -17.54 -10.29 -2.31
N LEU A 331 -16.62 -10.86 -3.08
CA LEU A 331 -15.49 -10.14 -3.67
C LEU A 331 -15.95 -8.85 -4.34
N HIS A 332 -17.07 -8.92 -5.04
CA HIS A 332 -17.56 -7.77 -5.81
C HIS A 332 -17.79 -6.53 -4.95
N TYR A 333 -18.00 -6.72 -3.65
CA TYR A 333 -18.21 -5.57 -2.77
C TYR A 333 -16.92 -4.84 -2.41
N GLN A 334 -15.79 -5.43 -2.80
CA GLN A 334 -14.48 -4.86 -2.50
C GLN A 334 -14.02 -3.90 -3.58
N TYR A 335 -14.44 -4.15 -4.82
CA TYR A 335 -14.02 -3.33 -5.96
C TYR A 335 -14.49 -1.89 -5.83
N PHE A 336 -13.64 -0.96 -6.31
CA PHE A 336 -14.05 0.43 -6.48
C PHE A 336 -14.20 0.72 -7.96
N ILE A 337 -15.37 1.22 -8.34
CA ILE A 337 -15.59 1.63 -9.73
C ILE A 337 -16.17 3.04 -9.78
N ALA A 338 -15.54 3.89 -10.60
CA ALA A 338 -16.06 5.23 -10.82
C ALA A 338 -16.47 5.36 -12.28
N ALA A 339 -17.76 5.61 -12.50
CA ALA A 339 -18.28 5.66 -13.87
C ALA A 339 -18.51 7.08 -14.41
N ASP A 340 -18.54 8.07 -13.51
CA ASP A 340 -18.94 9.44 -13.85
C ASP A 340 -17.79 10.45 -13.88
N TRP A 341 -16.55 9.98 -13.77
CA TRP A 341 -15.41 10.88 -13.62
C TRP A 341 -14.91 11.36 -14.98
N PRO A 342 -14.68 12.67 -15.16
CA PRO A 342 -14.15 13.20 -16.42
C PRO A 342 -12.80 12.60 -16.81
N GLY A 343 -12.15 11.91 -15.87
CA GLY A 343 -10.89 11.25 -16.17
C GLY A 343 -11.10 9.90 -16.86
N GLY A 344 -12.36 9.56 -17.14
CA GLY A 344 -12.65 8.34 -17.88
C GLY A 344 -13.02 7.21 -16.95
N LEU A 345 -13.28 6.04 -17.51
CA LEU A 345 -13.53 4.86 -16.70
C LEU A 345 -12.36 4.67 -15.76
N TYR A 346 -12.67 4.33 -14.51
CA TYR A 346 -11.65 4.09 -13.51
C TYR A 346 -12.10 3.02 -12.52
N PHE A 347 -11.22 2.06 -12.24
CA PHE A 347 -11.54 1.05 -11.24
C PHE A 347 -10.27 0.62 -10.58
N SER A 348 -10.39 0.08 -9.37
CA SER A 348 -9.28 -0.62 -8.73
C SER A 348 -9.88 -1.72 -7.87
N PRO A 349 -9.17 -2.85 -7.78
CA PRO A 349 -9.67 -3.99 -7.00
C PRO A 349 -9.43 -3.79 -5.51
N THR A 350 -8.49 -2.92 -5.15
CA THR A 350 -8.06 -2.76 -3.76
C THR A 350 -7.94 -1.28 -3.41
N PHE A 351 -7.29 -0.96 -2.30
CA PHE A 351 -7.16 0.44 -1.86
C PHE A 351 -6.35 1.36 -2.77
N ALA A 352 -5.29 0.82 -3.36
CA ALA A 352 -4.36 1.63 -4.14
C ALA A 352 -4.92 1.96 -5.52
N GLY A 353 -4.32 2.96 -6.15
CA GLY A 353 -4.46 3.17 -7.56
C GLY A 353 -3.20 2.55 -8.14
N SER A 354 -2.19 3.38 -8.39
CA SER A 354 -0.89 2.88 -8.84
C SER A 354 -0.31 1.96 -7.76
N ARG A 355 0.37 0.90 -8.20
CA ARG A 355 0.95 -0.06 -7.28
C ARG A 355 2.26 -0.56 -7.84
N PRO A 356 3.16 -1.05 -6.97
CA PRO A 356 4.44 -1.59 -7.45
C PRO A 356 4.28 -3.02 -7.93
N GLY A 357 3.96 -3.21 -9.21
CA GLY A 357 3.72 -4.54 -9.74
C GLY A 357 4.91 -5.50 -9.57
N ALA A 358 6.11 -4.95 -9.41
CA ALA A 358 7.29 -5.80 -9.25
C ALA A 358 7.17 -6.64 -7.99
N LEU A 359 6.50 -6.14 -6.96
CA LEU A 359 6.37 -6.90 -5.72
C LEU A 359 5.44 -8.11 -5.88
N SER A 360 4.39 -7.96 -6.68
CA SER A 360 3.54 -9.09 -7.08
C SER A 360 4.36 -10.15 -7.82
N ALA A 361 5.24 -9.71 -8.71
CA ALA A 361 6.12 -10.64 -9.41
C ALA A 361 6.95 -11.43 -8.43
N THR A 362 7.43 -10.78 -7.37
CA THR A 362 8.26 -11.50 -6.39
C THR A 362 7.46 -12.53 -5.60
N ALA A 363 6.20 -12.25 -5.30
CA ALA A 363 5.33 -13.24 -4.66
C ALA A 363 5.17 -14.48 -5.56
N TRP A 364 4.81 -14.25 -6.81
CA TRP A 364 4.66 -15.30 -7.80
C TRP A 364 5.96 -16.09 -7.95
N ALA A 365 7.07 -15.39 -8.14
CA ALA A 365 8.37 -16.08 -8.33
C ALA A 365 8.72 -16.94 -7.10
N ALA A 366 8.51 -16.39 -5.91
CA ALA A 366 8.84 -17.14 -4.70
C ALA A 366 8.03 -18.43 -4.60
N MET A 367 6.71 -18.33 -4.78
CA MET A 367 5.80 -19.48 -4.71
C MET A 367 6.18 -20.58 -5.70
N LEU A 368 6.40 -20.19 -6.96
CA LEU A 368 6.87 -21.12 -7.99
C LEU A 368 8.24 -21.75 -7.70
N SER A 369 9.18 -20.97 -7.18
CA SER A 369 10.51 -21.51 -6.87
C SER A 369 10.52 -22.47 -5.67
N LEU A 370 9.53 -22.33 -4.79
CA LEU A 370 9.42 -23.22 -3.64
C LEU A 370 8.61 -24.48 -3.95
N GLY A 371 7.43 -24.30 -4.53
CA GLY A 371 6.53 -25.43 -4.75
C GLY A 371 6.13 -26.06 -3.42
N GLU A 372 5.29 -27.09 -3.48
CA GLU A 372 4.84 -27.75 -2.26
C GLU A 372 6.01 -28.32 -1.48
N GLU A 373 6.94 -28.97 -2.18
CA GLU A 373 8.08 -29.58 -1.50
C GLU A 373 8.92 -28.52 -0.78
N GLY A 374 9.03 -27.33 -1.37
CA GLY A 374 9.74 -26.24 -0.74
C GLY A 374 9.09 -25.70 0.53
N TYR A 375 7.77 -25.49 0.48
CA TYR A 375 7.04 -25.03 1.66
C TYR A 375 7.01 -26.12 2.74
N LEU A 376 6.91 -27.36 2.30
CA LEU A 376 6.95 -28.49 3.21
C LEU A 376 8.29 -28.55 3.97
N ASP A 377 9.39 -28.41 3.22
CA ASP A 377 10.71 -28.42 3.84
C ASP A 377 10.94 -27.22 4.77
N ALA A 378 10.56 -26.03 4.32
CA ALA A 378 10.74 -24.83 5.14
C ALA A 378 9.96 -24.98 6.46
N THR A 379 8.72 -25.40 6.35
CA THR A 379 7.86 -25.56 7.51
C THR A 379 8.42 -26.61 8.46
N ARG A 380 8.94 -27.69 7.88
CA ARG A 380 9.54 -28.75 8.67
C ARG A 380 10.66 -28.18 9.51
N ARG A 381 11.56 -27.44 8.88
CA ARG A 381 12.72 -26.86 9.55
C ARG A 381 12.27 -25.92 10.66
N ILE A 382 11.25 -25.12 10.39
CA ILE A 382 10.79 -24.13 11.37
C ILE A 382 10.15 -24.81 12.58
N LEU A 383 9.36 -25.85 12.34
CA LEU A 383 8.62 -26.50 13.42
C LEU A 383 9.54 -27.38 14.26
N GLN A 384 10.60 -27.90 13.65
CA GLN A 384 11.61 -28.64 14.40
C GLN A 384 12.37 -27.71 15.32
N ALA A 385 12.74 -26.55 14.80
CA ALA A 385 13.40 -25.54 15.59
C ALA A 385 12.47 -25.12 16.73
N ALA A 386 11.18 -24.92 16.41
CA ALA A 386 10.23 -24.51 17.44
C ALA A 386 10.11 -25.56 18.53
N ASP A 387 10.00 -26.84 18.15
CA ASP A 387 9.92 -27.95 19.11
C ASP A 387 11.09 -27.90 20.08
N ARG A 388 12.29 -27.73 19.51
CA ARG A 388 13.52 -27.64 20.27
C ARG A 388 13.49 -26.40 21.19
N LEU A 389 13.10 -25.24 20.64
CA LEU A 389 13.05 -24.02 21.45
C LEU A 389 12.05 -24.16 22.59
N LYS A 390 10.86 -24.68 22.32
CA LYS A 390 9.83 -24.78 23.36
C LYS A 390 10.27 -25.71 24.49
N ALA A 391 10.89 -26.83 24.13
CA ALA A 391 11.37 -27.76 25.15
C ALA A 391 12.39 -27.08 26.06
N GLY A 392 13.24 -26.25 25.46
CA GLY A 392 14.25 -25.52 26.22
C GLY A 392 13.63 -24.50 27.16
N VAL A 393 12.63 -23.77 26.69
CA VAL A 393 11.95 -22.80 27.55
C VAL A 393 11.25 -23.50 28.70
N ARG A 394 10.57 -24.61 28.42
CA ARG A 394 9.89 -25.39 29.45
C ARG A 394 10.89 -25.92 30.49
N ALA A 395 12.15 -26.10 30.09
CA ALA A 395 13.18 -26.56 31.01
C ALA A 395 13.74 -25.47 31.93
N ILE A 396 13.58 -24.21 31.54
CA ILE A 396 14.11 -23.09 32.34
C ILE A 396 13.16 -22.66 33.45
N PRO A 397 13.59 -22.75 34.72
CA PRO A 397 12.70 -22.38 35.83
C PRO A 397 12.23 -20.92 35.80
N SER A 398 10.98 -20.70 36.20
CA SER A 398 10.42 -19.36 36.34
C SER A 398 9.84 -18.79 35.03
N LEU A 399 9.95 -19.54 33.93
CA LEU A 399 9.35 -19.14 32.66
C LEU A 399 8.21 -20.07 32.33
N LYS A 400 7.25 -19.58 31.55
CA LYS A 400 6.23 -20.46 30.99
C LYS A 400 5.89 -19.97 29.59
N ILE A 401 5.37 -20.87 28.78
CA ILE A 401 4.84 -20.51 27.46
C ILE A 401 3.33 -20.31 27.57
N LEU A 402 2.82 -19.29 26.89
CA LEU A 402 1.38 -19.02 26.89
C LEU A 402 0.69 -19.90 25.85
N GLY A 403 -0.19 -20.76 26.32
CA GLY A 403 -0.95 -21.64 25.45
C GLY A 403 -0.08 -22.72 24.83
N ASP A 404 -0.52 -23.22 23.67
CA ASP A 404 0.15 -24.32 23.01
C ASP A 404 0.50 -23.97 21.55
N PRO A 405 1.43 -23.03 21.33
CA PRO A 405 1.75 -22.55 19.99
C PRO A 405 2.64 -23.52 19.22
N LEU A 406 2.53 -23.49 17.90
CA LEU A 406 3.43 -24.29 17.07
C LEU A 406 4.79 -23.64 16.76
N TRP A 407 4.85 -22.33 16.55
CA TRP A 407 6.12 -21.71 16.17
C TRP A 407 6.27 -20.23 16.54
N VAL A 408 5.16 -19.58 16.90
CA VAL A 408 5.22 -18.23 17.46
C VAL A 408 5.04 -18.32 18.98
N ILE A 409 6.14 -18.14 19.71
CA ILE A 409 6.22 -18.56 21.11
C ILE A 409 6.23 -17.35 22.06
N ALA A 410 5.16 -17.16 22.83
CA ALA A 410 5.11 -16.13 23.86
C ALA A 410 5.56 -16.70 25.19
N VAL A 411 6.57 -16.08 25.80
CA VAL A 411 7.03 -16.56 27.10
C VAL A 411 6.84 -15.50 28.19
N ALA A 412 6.42 -15.97 29.36
CA ALA A 412 6.04 -15.11 30.46
C ALA A 412 6.69 -15.63 31.73
N SER A 413 6.60 -14.88 32.82
CA SER A 413 7.09 -15.35 34.10
C SER A 413 6.20 -14.86 35.24
N ASP A 414 5.72 -15.79 36.07
CA ASP A 414 4.94 -15.39 37.23
C ASP A 414 5.82 -14.83 38.36
N GLU A 415 7.08 -15.26 38.39
CA GLU A 415 7.98 -14.89 39.50
C GLU A 415 8.95 -13.74 39.18
N LEU A 416 9.37 -13.62 37.92
CA LEU A 416 10.36 -12.60 37.57
C LEU A 416 9.79 -11.56 36.63
N ASN A 417 10.43 -10.39 36.56
CA ASN A 417 10.05 -9.35 35.60
C ASN A 417 10.45 -9.76 34.18
N ILE A 418 9.47 -10.21 33.41
CA ILE A 418 9.73 -10.72 32.07
C ILE A 418 10.35 -9.65 31.16
N TYR A 419 10.05 -8.39 31.44
CA TYR A 419 10.60 -7.30 30.64
C TYR A 419 12.10 -7.13 30.83
N GLN A 420 12.60 -7.43 32.03
CA GLN A 420 14.03 -7.37 32.23
C GLN A 420 14.71 -8.63 31.67
N VAL A 421 14.02 -9.76 31.72
CA VAL A 421 14.54 -10.95 31.04
C VAL A 421 14.71 -10.62 29.56
N MET A 422 13.71 -9.95 29.00
CA MET A 422 13.76 -9.55 27.61
C MET A 422 14.91 -8.58 27.34
N GLU A 423 15.11 -7.62 28.22
CA GLU A 423 16.20 -6.64 28.10
C GLU A 423 17.58 -7.31 28.19
N GLU A 424 17.68 -8.34 29.03
CA GLU A 424 18.91 -9.12 29.12
C GLU A 424 19.17 -9.83 27.79
N MET A 425 18.12 -10.29 27.13
CA MET A 425 18.28 -10.88 25.80
C MET A 425 18.71 -9.83 24.78
N ALA A 426 18.08 -8.65 24.82
CA ALA A 426 18.46 -7.57 23.90
C ALA A 426 19.94 -7.19 24.05
N GLY A 427 20.45 -7.26 25.26
CA GLY A 427 21.85 -6.97 25.52
C GLY A 427 22.77 -7.98 24.83
N ARG A 428 22.23 -9.15 24.53
CA ARG A 428 22.95 -10.20 23.82
C ARG A 428 22.66 -10.16 22.32
N GLY A 429 21.94 -9.13 21.88
CA GLY A 429 21.67 -8.95 20.46
C GLY A 429 20.25 -9.30 19.99
N TRP A 430 19.46 -9.95 20.85
CA TRP A 430 18.12 -10.39 20.43
C TRP A 430 17.14 -9.22 20.29
N ARG A 431 16.35 -9.24 19.23
CA ARG A 431 15.31 -8.24 19.06
C ARG A 431 13.98 -8.98 19.11
N LEU A 432 13.39 -9.01 20.29
CA LEU A 432 12.17 -9.76 20.54
C LEU A 432 11.01 -8.79 20.62
N ASN A 433 9.79 -9.32 20.56
N ASN A 433 9.79 -9.31 20.55
CA ASN A 433 8.59 -8.50 20.61
CA ASN A 433 8.63 -8.43 20.60
C ASN A 433 8.06 -8.43 22.03
C ASN A 433 8.01 -8.41 22.00
N GLY A 434 7.91 -7.22 22.56
CA GLY A 434 7.38 -7.05 23.91
C GLY A 434 5.86 -7.07 23.90
N LEU A 435 5.29 -7.90 24.77
CA LEU A 435 3.85 -8.02 24.82
C LEU A 435 3.33 -7.45 26.14
N HIS A 436 2.03 -7.22 26.20
CA HIS A 436 1.37 -6.97 27.48
C HIS A 436 -0.03 -7.58 27.48
N ARG A 437 -0.70 -7.56 28.63
CA ARG A 437 -2.01 -8.21 28.79
C ARG A 437 -2.03 -9.66 28.32
N PRO A 438 -1.17 -10.50 28.89
CA PRO A 438 -0.28 -10.16 30.01
C PRO A 438 1.15 -9.83 29.55
N PRO A 439 1.98 -9.33 30.49
CA PRO A 439 3.39 -9.07 30.20
C PRO A 439 4.04 -10.35 29.71
N ALA A 440 4.80 -10.23 28.63
CA ALA A 440 5.48 -11.37 28.07
C ALA A 440 6.38 -10.84 26.96
N PHE A 441 7.23 -11.70 26.40
CA PHE A 441 7.83 -11.41 25.11
C PHE A 441 7.53 -12.59 24.18
N HIS A 442 7.56 -12.37 22.87
CA HIS A 442 7.49 -13.50 21.97
C HIS A 442 8.60 -13.54 20.92
N VAL A 443 8.82 -14.75 20.41
CA VAL A 443 9.74 -14.99 19.30
CA VAL A 443 9.74 -14.99 19.30
C VAL A 443 8.97 -15.70 18.19
N ALA A 444 8.83 -15.05 17.05
CA ALA A 444 8.23 -15.68 15.89
C ALA A 444 9.36 -16.29 15.08
N LEU A 445 9.50 -17.61 15.14
CA LEU A 445 10.59 -18.29 14.47
C LEU A 445 10.45 -18.27 12.95
N THR A 446 11.57 -18.07 12.28
CA THR A 446 11.60 -18.02 10.82
C THR A 446 12.67 -18.98 10.34
N LEU A 447 12.93 -18.98 9.04
CA LEU A 447 14.04 -19.76 8.50
C LEU A 447 15.37 -19.30 9.10
N ARG A 448 15.48 -18.01 9.43
CA ARG A 448 16.72 -17.51 10.03
C ARG A 448 17.07 -18.26 11.32
N HIS A 449 16.06 -18.78 12.01
CA HIS A 449 16.27 -19.47 13.28
C HIS A 449 16.49 -20.97 13.13
N THR A 450 16.44 -21.45 11.90
CA THR A 450 16.70 -22.86 11.63
C THR A 450 18.16 -23.08 11.22
N GLU A 451 18.92 -21.99 11.10
CA GLU A 451 20.35 -22.09 10.80
C GLU A 451 21.08 -22.72 11.98
N PRO A 452 22.22 -23.39 11.72
CA PRO A 452 22.95 -24.10 12.77
C PRO A 452 23.28 -23.22 13.96
N GLY A 453 22.98 -23.71 15.16
CA GLY A 453 23.36 -23.01 16.38
C GLY A 453 22.39 -21.97 16.89
N VAL A 454 21.46 -21.49 16.07
CA VAL A 454 20.66 -20.35 16.50
C VAL A 454 19.76 -20.63 17.70
N VAL A 455 19.06 -21.76 17.69
CA VAL A 455 18.17 -22.10 18.80
C VAL A 455 18.96 -22.32 20.09
N ASP A 456 20.13 -22.94 19.96
CA ASP A 456 20.98 -23.20 21.13
C ASP A 456 21.50 -21.90 21.75
N ARG A 457 21.83 -20.93 20.90
CA ARG A 457 22.27 -19.62 21.36
C ARG A 457 21.14 -18.91 22.10
N PHE A 458 19.93 -18.99 21.55
CA PHE A 458 18.76 -18.42 22.19
C PHE A 458 18.57 -18.98 23.59
N LEU A 459 18.59 -20.31 23.71
CA LEU A 459 18.36 -20.96 25.00
C LEU A 459 19.46 -20.67 26.01
N ALA A 460 20.70 -20.65 25.55
CA ALA A 460 21.82 -20.33 26.42
C ALA A 460 21.72 -18.90 26.92
N ASP A 461 21.34 -17.98 26.02
CA ASP A 461 21.20 -16.59 26.38
C ASP A 461 20.03 -16.38 27.35
N LEU A 462 18.95 -17.13 27.15
CA LEU A 462 17.74 -17.02 27.96
C LEU A 462 17.99 -17.60 29.36
N GLN A 463 18.71 -18.71 29.44
CA GLN A 463 19.12 -19.27 30.74
C GLN A 463 19.91 -18.23 31.54
N ASP A 464 20.89 -17.62 30.88
CA ASP A 464 21.67 -16.55 31.51
C ASP A 464 20.83 -15.33 31.87
N ALA A 465 19.89 -14.96 31.00
CA ALA A 465 19.02 -13.81 31.28
C ALA A 465 18.25 -14.05 32.55
N VAL A 466 17.66 -15.22 32.66
CA VAL A 466 16.85 -15.60 33.82
C VAL A 466 17.68 -15.62 35.12
N ALA A 467 18.87 -16.18 35.05
CA ALA A 467 19.76 -16.22 36.20
C ALA A 467 20.09 -14.79 36.67
N GLN A 468 20.42 -13.92 35.72
CA GLN A 468 20.74 -12.53 36.07
C GLN A 468 19.55 -11.83 36.74
N VAL A 469 18.35 -12.03 36.22
CA VAL A 469 17.18 -11.37 36.79
C VAL A 469 16.83 -11.93 38.17
N ARG A 470 16.97 -13.24 38.34
CA ARG A 470 16.72 -13.86 39.65
C ARG A 470 17.70 -13.29 40.67
N ALA A 471 18.94 -13.05 40.24
CA ALA A 471 19.96 -12.48 41.12
C ALA A 471 19.69 -11.02 41.51
N HIS A 472 19.03 -10.27 40.63
CA HIS A 472 18.71 -8.86 40.90
C HIS A 472 17.30 -8.55 40.42
N PRO A 473 16.30 -9.06 41.16
CA PRO A 473 14.92 -9.07 40.65
C PRO A 473 14.37 -7.67 40.46
N GLU A 474 15.00 -6.67 41.08
CA GLU A 474 14.55 -5.29 41.01
C GLU A 474 15.23 -4.50 39.89
N LYS A 475 16.25 -5.10 39.27
CA LYS A 475 16.97 -4.48 38.17
C LYS A 475 16.02 -4.25 37.01
N ALA A 476 16.06 -3.04 36.46
CA ALA A 476 15.26 -2.69 35.29
C ALA A 476 16.05 -1.66 34.50
N THR A 477 16.53 -2.05 33.34
CA THR A 477 17.38 -1.18 32.56
C THR A 477 16.89 -1.09 31.12
N GLY A 478 17.46 -0.14 30.39
CA GLY A 478 17.13 0.06 28.99
C GLY A 478 15.64 0.16 28.73
N MET A 479 15.13 -0.79 27.96
CA MET A 479 13.76 -0.77 27.47
C MET A 479 12.75 -1.34 28.49
N ALA A 480 13.25 -2.09 29.47
CA ALA A 480 12.37 -2.76 30.43
C ALA A 480 11.40 -1.83 31.18
N PRO A 481 11.88 -0.66 31.65
CA PRO A 481 10.96 0.27 32.33
C PRO A 481 9.99 0.91 31.35
N VAL A 482 10.36 0.97 30.07
CA VAL A 482 9.49 1.52 29.05
C VAL A 482 8.28 0.59 28.84
N TYR A 483 8.54 -0.70 28.68
CA TYR A 483 7.45 -1.66 28.52
C TYR A 483 6.59 -1.75 29.78
N GLY A 484 7.24 -1.68 30.94
CA GLY A 484 6.51 -1.74 32.21
C GLY A 484 5.61 -0.55 32.40
N MET A 485 6.11 0.65 32.11
CA MET A 485 5.28 1.85 32.16
C MET A 485 4.14 1.78 31.14
N ALA A 486 4.44 1.37 29.92
CA ALA A 486 3.41 1.26 28.88
C ALA A 486 2.29 0.29 29.29
N ALA A 487 2.66 -0.79 29.95
CA ALA A 487 1.67 -1.75 30.43
C ALA A 487 0.74 -1.14 31.49
N ALA A 488 1.26 -0.22 32.29
CA ALA A 488 0.50 0.36 33.41
C ALA A 488 -0.25 1.63 33.00
N ALA A 489 0.22 2.28 31.94
CA ALA A 489 -0.25 3.60 31.58
C ALA A 489 -1.67 3.62 31.02
N PRO A 490 -2.40 4.72 31.27
CA PRO A 490 -3.70 4.95 30.62
C PRO A 490 -3.51 5.04 29.11
N PRO A 491 -4.44 4.47 28.34
CA PRO A 491 -4.34 4.40 26.87
C PRO A 491 -4.15 5.77 26.26
N GLU A 492 -4.87 6.77 26.75
CA GLU A 492 -4.75 8.12 26.20
C GLU A 492 -3.33 8.63 26.39
N LEU A 493 -2.75 8.35 27.56
CA LEU A 493 -1.39 8.77 27.81
C LEU A 493 -0.44 8.05 26.85
N VAL A 494 -0.68 6.77 26.62
CA VAL A 494 0.11 6.02 25.66
C VAL A 494 0.02 6.65 24.26
N ARG A 495 -1.19 7.00 23.84
CA ARG A 495 -1.41 7.65 22.55
C ARG A 495 -0.58 8.93 22.38
N GLN A 496 -0.55 9.74 23.43
CA GLN A 496 0.18 11.02 23.38
C GLN A 496 1.67 10.82 23.25
N VAL A 497 2.21 9.88 24.03
CA VAL A 497 3.64 9.62 24.03
C VAL A 497 4.10 8.97 22.72
N LEU A 498 3.36 7.96 22.27
CA LEU A 498 3.63 7.29 20.99
C LEU A 498 3.48 8.25 19.79
N THR A 499 2.59 9.22 19.91
CA THR A 499 2.46 10.25 18.88
C THR A 499 3.73 11.07 18.82
N GLY A 500 4.23 11.48 19.99
CA GLY A 500 5.52 12.12 20.09
C GLY A 500 6.63 11.26 19.49
N PHE A 501 6.54 9.95 19.68
CA PHE A 501 7.57 9.04 19.18
C PHE A 501 7.58 8.97 17.65
N ILE A 502 6.39 8.88 17.05
CA ILE A 502 6.30 8.85 15.61
C ILE A 502 6.87 10.15 15.03
N ASP A 503 6.58 11.27 15.69
CA ASP A 503 7.13 12.57 15.31
C ASP A 503 8.66 12.54 15.31
N LEU A 504 9.24 11.88 16.31
CA LEU A 504 10.70 11.79 16.43
C LEU A 504 11.34 10.98 15.28
N LEU A 505 10.65 9.94 14.84
CA LEU A 505 11.11 9.15 13.70
C LEU A 505 11.22 10.02 12.44
N TYR A 506 10.36 11.02 12.35
CA TYR A 506 10.32 11.91 11.19
C TYR A 506 11.19 13.19 11.34
N GLU A 507 11.84 13.36 12.49
CA GLU A 507 12.71 14.52 12.70
C GLU A 507 13.96 14.50 11.83
N VAL A 508 14.23 15.62 11.16
CA VAL A 508 15.46 15.76 10.38
C VAL A 508 16.32 16.88 10.96
N HIS A 509 17.48 16.53 11.48
CA HIS A 509 18.41 17.50 12.06
C HIS A 509 19.77 17.52 11.37
N ILE B 58 -7.54 -9.08 -23.23
CA ILE B 58 -6.72 -10.12 -23.87
C ILE B 58 -5.57 -10.56 -22.96
N LYS B 59 -5.30 -11.87 -22.95
CA LYS B 59 -4.24 -12.44 -22.12
C LYS B 59 -3.16 -13.09 -23.00
N PRO B 60 -2.15 -12.31 -23.40
CA PRO B 60 -1.18 -12.60 -24.46
C PRO B 60 -0.32 -13.84 -24.25
N TYR B 61 -0.20 -14.30 -23.00
CA TYR B 61 0.77 -15.35 -22.69
C TYR B 61 0.09 -16.71 -22.47
N ARG B 62 -1.23 -16.74 -22.66
CA ARG B 62 -2.03 -17.94 -22.47
C ARG B 62 -1.39 -19.19 -23.10
N ASP B 63 -0.92 -19.04 -24.33
CA ASP B 63 -0.40 -20.17 -25.10
C ASP B 63 1.12 -20.13 -25.22
N ARG B 64 1.74 -19.15 -24.59
CA ARG B 64 3.19 -18.99 -24.68
C ARG B 64 3.86 -19.58 -23.45
N PHE B 65 3.24 -19.41 -22.29
CA PHE B 65 3.80 -19.89 -21.04
C PHE B 65 2.77 -20.74 -20.30
N PRO B 66 3.21 -21.72 -19.50
CA PRO B 66 2.26 -22.53 -18.74
C PRO B 66 1.51 -21.63 -17.77
N SER B 67 0.26 -21.92 -17.47
CA SER B 67 -0.45 -21.16 -16.45
C SER B 67 -0.37 -21.94 -15.14
N HIS B 68 -0.43 -21.23 -14.01
CA HIS B 68 -0.32 -21.89 -12.71
C HIS B 68 -1.54 -21.63 -11.83
N ALA B 69 -2.40 -22.63 -11.74
CA ALA B 69 -3.60 -22.57 -10.92
C ALA B 69 -3.34 -23.18 -9.54
N ARG B 70 -2.26 -23.95 -9.42
CA ARG B 70 -1.91 -24.62 -8.18
C ARG B 70 -0.40 -24.60 -8.04
N LEU B 71 0.07 -24.66 -6.80
CA LEU B 71 1.50 -24.70 -6.56
C LEU B 71 2.10 -25.89 -7.31
N PRO B 72 3.29 -25.69 -7.91
CA PRO B 72 3.99 -26.86 -8.47
C PRO B 72 4.33 -27.79 -7.33
N ARG B 73 4.35 -29.09 -7.58
CA ARG B 73 4.73 -30.05 -6.55
C ARG B 73 6.20 -29.86 -6.15
N ALA B 74 7.09 -29.77 -7.14
CA ALA B 74 8.48 -29.47 -6.87
C ALA B 74 8.74 -28.04 -7.28
N GLY B 75 9.61 -27.35 -6.56
CA GLY B 75 9.99 -26.00 -6.92
C GLY B 75 10.56 -25.97 -8.33
N LEU B 76 10.20 -24.94 -9.08
CA LEU B 76 10.71 -24.75 -10.44
C LEU B 76 12.04 -23.99 -10.40
N PRO B 77 12.93 -24.24 -11.37
CA PRO B 77 14.25 -23.61 -11.31
C PRO B 77 14.17 -22.08 -11.39
N ARG B 78 14.93 -21.40 -10.53
CA ARG B 78 14.93 -19.94 -10.51
C ARG B 78 15.23 -19.38 -11.88
N ALA B 79 16.21 -20.00 -12.55
CA ALA B 79 16.70 -19.52 -13.84
C ALA B 79 15.60 -19.54 -14.89
N GLU B 80 14.76 -20.57 -14.87
CA GLU B 80 13.62 -20.66 -15.77
C GLU B 80 12.55 -19.62 -15.42
N ILE B 81 12.27 -19.44 -14.14
CA ILE B 81 11.30 -18.43 -13.72
C ILE B 81 11.77 -17.05 -14.22
N LEU B 82 13.06 -16.77 -14.04
CA LEU B 82 13.61 -15.48 -14.47
C LEU B 82 13.55 -15.29 -16.00
N ALA B 83 13.86 -16.35 -16.74
CA ALA B 83 13.83 -16.31 -18.20
C ALA B 83 12.44 -15.93 -18.68
N GLU B 84 11.42 -16.54 -18.07
CA GLU B 84 10.05 -16.23 -18.43
C GLU B 84 9.67 -14.77 -18.14
N ILE B 85 10.04 -14.27 -16.96
CA ILE B 85 9.79 -12.86 -16.63
C ILE B 85 10.58 -11.93 -17.55
N ALA B 86 11.82 -12.31 -17.86
CA ALA B 86 12.66 -11.54 -18.77
C ALA B 86 12.08 -11.47 -20.19
N ALA B 87 11.56 -12.59 -20.66
CA ALA B 87 10.90 -12.66 -21.95
C ALA B 87 9.69 -11.73 -22.01
N MET B 88 8.92 -11.69 -20.93
CA MET B 88 7.77 -10.78 -20.87
C MET B 88 8.21 -9.31 -20.87
N GLY B 89 9.28 -9.00 -20.17
CA GLY B 89 9.85 -7.67 -20.20
C GLY B 89 10.29 -7.22 -21.60
N ALA B 90 10.88 -8.14 -22.36
CA ALA B 90 11.35 -7.79 -23.70
C ALA B 90 10.15 -7.48 -24.60
N ALA B 91 9.03 -8.13 -24.32
CA ALA B 91 7.79 -7.88 -25.05
C ALA B 91 7.14 -6.55 -24.67
N GLU B 92 7.16 -6.25 -23.37
CA GLU B 92 6.42 -5.14 -22.77
C GLU B 92 7.15 -3.78 -22.69
N SER B 93 8.46 -3.80 -22.60
CA SER B 93 9.20 -2.56 -22.37
C SER B 93 9.20 -1.55 -23.55
N PRO B 94 9.24 -2.04 -24.81
CA PRO B 94 9.26 -1.09 -25.93
C PRO B 94 8.15 -0.02 -25.87
N ALA B 95 6.93 -0.43 -25.59
CA ALA B 95 5.81 0.50 -25.54
C ALA B 95 6.09 1.73 -24.67
N TRP B 96 6.57 1.53 -23.44
CA TRP B 96 6.88 2.69 -22.59
C TRP B 96 8.25 3.27 -22.91
N ARG B 97 9.21 2.40 -23.21
CA ARG B 97 10.56 2.90 -23.48
C ARG B 97 10.58 3.86 -24.67
N ASP B 98 9.81 3.54 -25.71
CA ASP B 98 9.88 4.31 -26.95
C ASP B 98 8.89 5.47 -27.01
N GLY B 99 8.25 5.76 -25.87
CA GLY B 99 7.44 6.96 -25.76
C GLY B 99 6.00 6.82 -26.25
N TYR B 100 5.49 5.61 -26.30
CA TYR B 100 4.12 5.40 -26.78
C TYR B 100 3.07 5.52 -25.68
N ALA B 101 3.50 5.58 -24.43
CA ALA B 101 2.55 5.56 -23.32
C ALA B 101 2.36 6.92 -22.67
N SER B 102 1.11 7.36 -22.64
CA SER B 102 0.73 8.47 -21.79
C SER B 102 1.05 8.11 -20.34
N GLY B 103 1.69 9.01 -19.61
CA GLY B 103 2.03 8.75 -18.21
C GLY B 103 2.70 7.39 -18.06
N ALA B 104 2.30 6.62 -17.06
CA ALA B 104 2.69 5.22 -16.94
C ALA B 104 4.14 5.00 -16.48
N VAL B 105 5.09 5.52 -17.24
CA VAL B 105 6.51 5.49 -16.87
C VAL B 105 7.04 6.91 -17.00
N TYR B 106 7.51 7.47 -15.89
CA TYR B 106 7.79 8.90 -15.83
C TYR B 106 9.24 9.28 -16.16
N HIS B 107 10.19 8.40 -15.83
CA HIS B 107 11.59 8.68 -16.18
C HIS B 107 11.95 7.72 -17.30
N GLY B 108 12.12 6.44 -16.97
CA GLY B 108 12.28 5.40 -17.99
C GLY B 108 13.68 5.27 -18.60
N ASP B 109 14.63 6.05 -18.10
CA ASP B 109 16.00 5.93 -18.58
C ASP B 109 16.68 4.71 -17.96
N GLU B 110 17.46 4.00 -18.77
CA GLU B 110 18.03 2.73 -18.33
C GLU B 110 19.06 2.86 -17.19
N HIS B 111 19.84 3.94 -17.21
CA HIS B 111 20.80 4.16 -16.13
C HIS B 111 20.09 4.55 -14.85
N HIS B 112 19.08 5.41 -14.96
CA HIS B 112 18.27 5.78 -13.79
C HIS B 112 17.60 4.54 -13.20
N ILE B 113 16.98 3.75 -14.06
CA ILE B 113 16.33 2.52 -13.64
C ILE B 113 17.28 1.52 -12.96
N ALA B 114 18.45 1.27 -13.57
CA ALA B 114 19.46 0.37 -13.02
C ALA B 114 19.91 0.87 -11.65
N PHE B 115 20.05 2.19 -11.54
CA PHE B 115 20.39 2.81 -10.28
C PHE B 115 19.33 2.50 -9.20
N LEU B 116 18.05 2.76 -9.49
CA LEU B 116 17.01 2.47 -8.51
C LEU B 116 16.89 0.96 -8.23
N ASN B 117 17.15 0.12 -9.24
CA ASN B 117 17.05 -1.32 -9.01
C ASN B 117 18.09 -1.76 -8.00
N GLU B 118 19.23 -1.07 -7.99
CA GLU B 118 20.32 -1.39 -7.06
C GLU B 118 20.02 -0.83 -5.66
N VAL B 119 19.38 0.34 -5.60
CA VAL B 119 18.85 0.84 -4.35
C VAL B 119 17.89 -0.18 -3.70
N TYR B 120 16.94 -0.66 -4.50
CA TYR B 120 16.03 -1.70 -4.04
C TYR B 120 16.77 -2.93 -3.52
N ALA B 121 17.70 -3.47 -4.32
CA ALA B 121 18.46 -4.64 -3.91
C ALA B 121 19.09 -4.41 -2.56
N LEU B 122 19.72 -3.26 -2.37
CA LEU B 122 20.44 -3.00 -1.12
C LEU B 122 19.51 -2.87 0.10
N GLN B 123 18.26 -2.46 -0.14
CA GLN B 123 17.28 -2.24 0.93
C GLN B 123 16.12 -3.27 0.88
N SER B 124 16.31 -4.35 0.14
CA SER B 124 15.18 -5.24 -0.18
C SER B 124 14.46 -5.82 1.05
N GLN B 125 15.21 -6.11 2.12
CA GLN B 125 14.63 -6.65 3.35
C GLN B 125 13.99 -5.60 4.27
N SER B 126 14.09 -4.33 3.90
CA SER B 126 13.58 -3.26 4.76
C SER B 126 12.08 -3.31 5.01
N ASN B 127 11.70 -3.30 6.28
CA ASN B 127 10.30 -3.15 6.66
C ASN B 127 10.21 -2.09 7.77
N PRO B 128 9.81 -0.85 7.40
CA PRO B 128 9.77 0.35 8.26
C PRO B 128 8.82 0.20 9.44
N LEU B 129 8.10 -0.91 9.52
CA LEU B 129 7.36 -1.23 10.73
C LEU B 129 8.35 -1.47 11.87
N HIS B 130 9.61 -1.73 11.52
CA HIS B 130 10.65 -2.00 12.51
C HIS B 130 11.80 -0.99 12.36
N PRO B 131 11.57 0.25 12.83
CA PRO B 131 12.62 1.28 12.71
C PRO B 131 13.89 0.91 13.49
N ASP B 132 13.76 0.05 14.50
CA ASP B 132 14.91 -0.41 15.28
C ASP B 132 15.83 -1.33 14.46
N LEU B 133 15.28 -2.02 13.47
CA LEU B 133 16.08 -2.91 12.63
C LEU B 133 16.58 -2.18 11.38
N TRP B 134 15.77 -1.25 10.87
CA TRP B 134 16.12 -0.48 9.68
C TRP B 134 16.06 1.03 9.93
N PRO B 135 16.99 1.56 10.74
CA PRO B 135 17.01 3.01 10.95
C PRO B 135 17.31 3.73 9.62
N SER B 136 18.01 3.07 8.72
CA SER B 136 18.33 3.66 7.43
C SER B 136 17.03 4.16 6.77
N THR B 137 16.02 3.29 6.77
CA THR B 137 14.77 3.56 6.06
C THR B 137 13.94 4.66 6.75
N ALA B 138 13.97 4.69 8.08
CA ALA B 138 13.32 5.77 8.82
C ALA B 138 13.95 7.13 8.45
N LYS B 139 15.28 7.13 8.30
CA LYS B 139 15.99 8.33 7.84
C LYS B 139 15.55 8.73 6.42
N PHE B 140 15.47 7.75 5.52
CA PHE B 140 15.04 8.03 4.16
C PHE B 140 13.64 8.68 4.12
N GLU B 141 12.69 8.11 4.85
CA GLU B 141 11.34 8.66 4.83
C GLU B 141 11.28 10.06 5.45
N ALA B 142 11.93 10.26 6.60
CA ALA B 142 12.05 11.58 7.20
C ALA B 142 12.57 12.63 6.21
N GLU B 143 13.60 12.26 5.44
CA GLU B 143 14.25 13.21 4.54
C GLU B 143 13.49 13.43 3.25
N VAL B 144 12.87 12.37 2.72
CA VAL B 144 11.91 12.57 1.63
C VAL B 144 10.82 13.56 2.05
N VAL B 145 10.23 13.38 3.22
CA VAL B 145 9.19 14.31 3.66
C VAL B 145 9.73 15.75 3.80
N ALA B 146 10.87 15.92 4.47
CA ALA B 146 11.46 17.26 4.69
C ALA B 146 11.81 17.98 3.39
N MET B 147 12.46 17.28 2.48
CA MET B 147 12.83 17.85 1.19
C MET B 147 11.61 18.24 0.36
N THR B 148 10.61 17.35 0.34
CA THR B 148 9.36 17.62 -0.39
C THR B 148 8.58 18.79 0.21
N ALA B 149 8.50 18.84 1.53
CA ALA B 149 7.86 19.96 2.22
C ALA B 149 8.53 21.29 1.85
N HIS B 150 9.86 21.33 1.94
CA HIS B 150 10.60 22.54 1.56
C HIS B 150 10.33 22.95 0.11
N MET B 151 10.31 21.97 -0.80
CA MET B 151 10.04 22.22 -2.21
C MET B 151 8.66 22.86 -2.40
N LEU B 152 7.70 22.46 -1.57
CA LEU B 152 6.32 22.95 -1.69
C LEU B 152 5.98 24.09 -0.71
N GLY B 153 6.95 24.96 -0.44
CA GLY B 153 6.72 26.17 0.34
C GLY B 153 6.57 26.00 1.84
N GLY B 154 7.00 24.85 2.35
CA GLY B 154 6.88 24.55 3.77
C GLY B 154 7.47 25.60 4.69
N ASP B 155 8.58 26.20 4.28
CA ASP B 155 9.22 27.22 5.11
C ASP B 155 8.29 28.41 5.37
N ALA B 156 7.35 28.64 4.46
CA ALA B 156 6.42 29.76 4.61
C ALA B 156 5.43 29.50 5.74
N ALA B 157 5.20 28.24 6.05
CA ALA B 157 4.31 27.86 7.14
C ALA B 157 4.92 28.16 8.49
N GLY B 158 6.21 28.49 8.48
CA GLY B 158 6.93 28.78 9.71
C GLY B 158 7.67 27.57 10.27
N GLY B 159 7.84 26.54 9.45
CA GLY B 159 8.55 25.36 9.88
C GLY B 159 7.70 24.36 10.64
N THR B 160 6.38 24.50 10.55
CA THR B 160 5.48 23.53 11.19
C THR B 160 5.02 22.44 10.21
N VAL B 161 5.33 22.60 8.92
CA VAL B 161 4.86 21.63 7.93
C VAL B 161 5.49 20.27 8.21
N CYS B 162 4.70 19.21 8.10
CA CYS B 162 5.15 17.87 8.45
C CYS B 162 4.38 16.87 7.59
N GLY B 163 4.71 15.59 7.70
CA GLY B 163 4.00 14.60 6.90
C GLY B 163 4.57 13.21 6.94
N THR B 164 4.08 12.35 6.05
CA THR B 164 4.57 10.98 5.97
C THR B 164 4.70 10.53 4.52
N VAL B 165 5.51 9.51 4.32
CA VAL B 165 5.53 8.81 3.05
C VAL B 165 4.34 7.84 3.01
N THR B 166 3.73 7.68 1.85
CA THR B 166 2.60 6.78 1.67
C THR B 166 2.92 5.87 0.50
N SER B 167 1.97 4.99 0.14
CA SER B 167 2.20 4.04 -0.94
C SER B 167 1.86 4.61 -2.32
N GLY B 168 1.30 5.81 -2.37
CA GLY B 168 0.88 6.38 -3.63
C GLY B 168 -0.09 7.52 -3.45
N GLY B 169 -0.39 8.20 -4.56
CA GLY B 169 -1.28 9.34 -4.56
C GLY B 169 -2.61 9.03 -3.92
N THR B 170 -3.19 7.88 -4.25
CA THR B 170 -4.46 7.45 -3.68
C THR B 170 -4.42 7.37 -2.17
N GLU B 171 -3.38 6.73 -1.63
CA GLU B 171 -3.28 6.64 -0.19
C GLU B 171 -3.11 8.02 0.45
N SER B 172 -2.34 8.90 -0.21
CA SER B 172 -2.18 10.26 0.31
C SER B 172 -3.55 10.98 0.39
N LEU B 173 -4.36 10.83 -0.65
CA LEU B 173 -5.69 11.45 -0.66
C LEU B 173 -6.63 10.84 0.39
N LEU B 174 -6.67 9.52 0.45
CA LEU B 174 -7.49 8.85 1.45
C LEU B 174 -7.10 9.31 2.86
N LEU B 175 -5.79 9.36 3.10
CA LEU B 175 -5.29 9.72 4.43
C LEU B 175 -5.70 11.14 4.80
N ALA B 176 -5.56 12.07 3.87
CA ALA B 176 -5.98 13.46 4.13
C ALA B 176 -7.47 13.51 4.45
N MET B 177 -8.26 12.78 3.65
CA MET B 177 -9.70 12.78 3.84
C MET B 177 -10.09 12.27 5.22
N LYS B 178 -9.55 11.11 5.60
CA LYS B 178 -9.78 10.55 6.91
C LYS B 178 -9.35 11.53 7.99
N THR B 179 -8.20 12.18 7.79
CA THR B 179 -7.66 13.11 8.78
C THR B 179 -8.61 14.28 9.04
N TYR B 180 -9.12 14.91 7.97
CA TYR B 180 -10.05 16.04 8.17
C TYR B 180 -11.33 15.58 8.85
N ARG B 181 -11.82 14.39 8.48
CA ARG B 181 -12.98 13.79 9.13
C ARG B 181 -12.76 13.67 10.65
N ASP B 182 -11.66 13.06 11.06
CA ASP B 182 -11.36 12.83 12.47
C ASP B 182 -11.11 14.14 13.20
N TRP B 183 -10.29 14.99 12.61
CA TRP B 183 -10.06 16.34 13.14
C TRP B 183 -11.37 17.11 13.35
N ALA B 184 -12.26 17.07 12.37
CA ALA B 184 -13.50 17.84 12.46
C ALA B 184 -14.45 17.25 13.51
N ARG B 185 -14.42 15.95 13.64
CA ARG B 185 -15.24 15.31 14.66
C ARG B 185 -14.77 15.72 16.05
N ALA B 186 -13.45 15.71 16.27
CA ALA B 186 -12.88 15.98 17.58
C ALA B 186 -12.93 17.45 17.93
N THR B 187 -12.74 18.32 16.95
CA THR B 187 -12.61 19.74 17.27
C THR B 187 -13.81 20.62 16.85
N LYS B 188 -14.69 20.10 16.01
CA LYS B 188 -15.80 20.91 15.53
C LYS B 188 -17.14 20.23 15.78
N GLY B 189 -17.10 19.06 16.41
CA GLY B 189 -18.29 18.30 16.71
C GLY B 189 -19.07 17.85 15.49
N ILE B 190 -18.40 17.77 14.33
CA ILE B 190 -19.07 17.33 13.11
C ILE B 190 -19.05 15.81 12.97
N THR B 191 -20.24 15.22 12.89
CA THR B 191 -20.41 13.79 12.86
C THR B 191 -21.02 13.28 11.55
N ALA B 192 -21.46 14.20 10.70
CA ALA B 192 -21.91 13.86 9.34
C ALA B 192 -21.08 14.67 8.34
N PRO B 193 -19.78 14.34 8.23
CA PRO B 193 -18.82 15.17 7.48
C PRO B 193 -19.14 15.27 5.98
N GLU B 194 -18.81 16.41 5.39
CA GLU B 194 -18.91 16.59 3.96
C GLU B 194 -17.57 17.11 3.42
N ALA B 195 -17.32 16.87 2.15
CA ALA B 195 -16.16 17.43 1.47
C ALA B 195 -16.62 18.00 0.13
N VAL B 196 -16.10 19.16 -0.23
CA VAL B 196 -16.47 19.80 -1.50
C VAL B 196 -15.25 19.82 -2.45
N VAL B 197 -15.38 19.20 -3.62
CA VAL B 197 -14.28 19.16 -4.58
C VAL B 197 -14.81 19.37 -5.99
N PRO B 198 -13.96 19.85 -6.90
CA PRO B 198 -14.46 20.02 -8.27
C PRO B 198 -14.71 18.66 -8.93
N VAL B 199 -15.56 18.65 -9.94
CA VAL B 199 -15.91 17.41 -10.63
C VAL B 199 -14.67 16.75 -11.28
N SER B 200 -13.63 17.53 -11.55
CA SER B 200 -12.37 17.01 -12.12
C SER B 200 -11.46 16.35 -11.09
N ALA B 201 -11.71 16.60 -9.80
CA ALA B 201 -10.87 16.05 -8.74
C ALA B 201 -10.83 14.53 -8.84
N HIS B 202 -9.69 13.95 -8.47
CA HIS B 202 -9.45 12.52 -8.71
C HIS B 202 -10.57 11.58 -8.22
N ALA B 203 -10.82 10.50 -8.96
CA ALA B 203 -11.80 9.50 -8.54
C ALA B 203 -11.52 9.01 -7.11
N ALA B 204 -10.27 9.02 -6.69
CA ALA B 204 -9.92 8.66 -5.31
C ALA B 204 -10.69 9.43 -4.23
N PHE B 205 -11.16 10.64 -4.53
CA PHE B 205 -12.02 11.35 -3.56
C PHE B 205 -13.32 10.61 -3.29
N ASP B 206 -13.84 9.92 -4.31
CA ASP B 206 -15.05 9.13 -4.13
C ASP B 206 -14.78 7.87 -3.33
N LYS B 207 -13.59 7.31 -3.49
CA LYS B 207 -13.17 6.15 -2.71
C LYS B 207 -13.13 6.52 -1.22
N ALA B 208 -12.49 7.64 -0.93
CA ALA B 208 -12.36 8.13 0.43
C ALA B 208 -13.74 8.41 1.02
N ALA B 209 -14.60 9.07 0.25
CA ALA B 209 -15.96 9.35 0.71
C ALA B 209 -16.69 8.06 1.09
N GLN B 210 -16.64 7.07 0.20
CA GLN B 210 -17.31 5.79 0.45
C GLN B 210 -16.69 5.01 1.59
N TYR B 211 -15.36 5.01 1.70
CA TYR B 211 -14.66 4.31 2.79
C TYR B 211 -14.97 4.90 4.14
N PHE B 212 -14.83 6.21 4.26
CA PHE B 212 -14.83 6.88 5.55
C PHE B 212 -16.15 7.56 5.92
N GLY B 213 -17.21 7.34 5.14
CA GLY B 213 -18.52 7.90 5.46
C GLY B 213 -18.48 9.41 5.38
N ILE B 214 -17.97 9.91 4.27
CA ILE B 214 -17.95 11.35 4.02
C ILE B 214 -18.83 11.62 2.82
N LYS B 215 -19.73 12.58 2.94
CA LYS B 215 -20.55 12.98 1.81
C LYS B 215 -19.72 13.86 0.88
N LEU B 216 -19.49 13.39 -0.33
CA LEU B 216 -18.67 14.13 -1.27
C LEU B 216 -19.55 14.98 -2.17
N VAL B 217 -19.32 16.29 -2.17
CA VAL B 217 -20.10 17.16 -3.05
C VAL B 217 -19.19 17.63 -4.17
N ARG B 218 -19.47 17.20 -5.40
CA ARG B 218 -18.68 17.60 -6.55
C ARG B 218 -19.31 18.80 -7.28
N THR B 219 -18.49 19.79 -7.58
CA THR B 219 -18.97 21.04 -8.14
C THR B 219 -18.46 21.30 -9.59
N PRO B 220 -19.23 22.07 -10.39
CA PRO B 220 -18.91 22.23 -11.81
C PRO B 220 -17.66 23.05 -12.08
N LEU B 221 -17.14 22.94 -13.31
CA LEU B 221 -15.99 23.71 -13.77
C LEU B 221 -16.45 24.93 -14.54
N ASP B 222 -15.59 25.93 -14.69
CA ASP B 222 -15.85 27.04 -15.60
C ASP B 222 -15.48 26.66 -17.05
N ALA B 223 -15.50 27.64 -17.95
CA ALA B 223 -15.27 27.37 -19.38
C ALA B 223 -13.82 27.00 -19.67
N ASP B 224 -12.93 27.29 -18.73
CA ASP B 224 -11.53 26.91 -18.90
C ASP B 224 -11.25 25.58 -18.20
N TYR B 225 -12.32 24.87 -17.80
CA TYR B 225 -12.17 23.58 -17.16
C TYR B 225 -11.50 23.66 -15.77
N ARG B 226 -11.53 24.84 -15.19
CA ARG B 226 -11.04 25.03 -13.84
C ARG B 226 -12.20 25.09 -12.86
N ALA B 227 -11.95 24.76 -11.61
CA ALA B 227 -12.99 24.77 -10.58
C ALA B 227 -13.68 26.13 -10.56
N ASP B 228 -15.01 26.08 -10.51
CA ASP B 228 -15.86 27.25 -10.33
C ASP B 228 -15.98 27.49 -8.84
N VAL B 229 -15.30 28.52 -8.34
CA VAL B 229 -15.19 28.72 -6.90
C VAL B 229 -16.49 29.27 -6.29
N ALA B 230 -17.27 30.03 -7.04
CA ALA B 230 -18.60 30.42 -6.57
C ALA B 230 -19.46 29.19 -6.28
N ALA B 231 -19.38 28.18 -7.13
CA ALA B 231 -20.17 26.96 -6.91
C ALA B 231 -19.69 26.21 -5.66
N MET B 232 -18.37 26.22 -5.40
CA MET B 232 -17.82 25.59 -4.21
C MET B 232 -18.32 26.30 -2.96
N ARG B 233 -18.28 27.63 -2.97
CA ARG B 233 -18.78 28.40 -1.84
C ARG B 233 -20.22 28.01 -1.51
N GLU B 234 -21.08 28.04 -2.52
CA GLU B 234 -22.48 27.67 -2.40
C GLU B 234 -22.68 26.24 -1.85
N ALA B 235 -21.72 25.34 -2.13
CA ALA B 235 -21.83 23.95 -1.66
C ALA B 235 -21.41 23.77 -0.18
N ILE B 236 -20.76 24.77 0.40
CA ILE B 236 -20.30 24.62 1.78
C ILE B 236 -21.47 24.68 2.77
N THR B 237 -21.48 23.75 3.72
CA THR B 237 -22.47 23.74 4.81
C THR B 237 -21.72 23.64 6.13
N PRO B 238 -22.45 23.72 7.26
CA PRO B 238 -21.76 23.60 8.54
C PRO B 238 -21.11 22.23 8.76
N ASN B 239 -21.45 21.23 7.95
CA ASN B 239 -20.83 19.91 8.06
C ASN B 239 -19.60 19.70 7.15
N THR B 240 -19.27 20.72 6.35
CA THR B 240 -18.16 20.58 5.41
C THR B 240 -16.88 20.60 6.22
N VAL B 241 -15.99 19.66 5.95
CA VAL B 241 -14.75 19.60 6.72
C VAL B 241 -13.52 19.98 5.90
N VAL B 242 -13.64 19.90 4.58
CA VAL B 242 -12.50 20.20 3.71
C VAL B 242 -13.01 20.58 2.32
N VAL B 243 -12.28 21.48 1.66
CA VAL B 243 -12.41 21.69 0.22
C VAL B 243 -11.09 21.31 -0.42
N ALA B 244 -11.13 20.93 -1.69
CA ALA B 244 -9.91 20.54 -2.41
C ALA B 244 -9.85 21.19 -3.76
N GLY B 245 -8.63 21.35 -4.25
CA GLY B 245 -8.37 21.77 -5.61
C GLY B 245 -7.23 20.91 -6.13
N SER B 246 -7.10 20.84 -7.45
CA SER B 246 -6.06 20.00 -8.07
C SER B 246 -4.97 20.85 -8.73
N ALA B 247 -3.74 20.36 -8.66
CA ALA B 247 -2.59 21.11 -9.17
C ALA B 247 -1.59 20.22 -9.90
N PRO B 248 -1.91 19.80 -11.13
CA PRO B 248 -3.19 20.03 -11.80
C PRO B 248 -4.08 18.80 -11.70
N GLY B 249 -5.35 18.92 -12.13
CA GLY B 249 -6.23 17.78 -12.24
C GLY B 249 -5.76 16.81 -13.32
N TY2 B 250 -6.11 15.55 -13.12
N TY2 B 250 -6.08 15.54 -13.12
CA TY2 B 250 -5.70 14.51 -14.04
CA TY2 B 250 -5.69 14.51 -14.07
C TY2 B 250 -6.37 14.53 -15.42
C TY2 B 250 -6.35 14.57 -15.44
O TY2 B 250 -5.73 14.25 -16.37
O TY2 B 250 -5.72 14.37 -16.40
CB TY2 B 250 -5.90 13.15 -13.37
CB TY2 B 250 -5.92 13.12 -13.47
CG TY2 B 250 -5.74 11.94 -14.30
CG TY2 B 250 -4.97 12.65 -12.35
CD1 TY2 B 250 -4.45 11.31 -14.44
CD1 TY2 B 250 -4.22 11.41 -12.48
CD2 TY2 B 250 -6.86 11.46 -15.01
CD2 TY2 B 250 -4.87 13.42 -11.17
CE1 TY2 B 250 -4.28 10.14 -15.33
CE1 TY2 B 250 -3.34 10.95 -11.37
CE2 TY2 B 250 -6.69 10.26 -15.92
CE2 TY2 B 250 -3.97 12.94 -10.03
CZ TY2 B 250 -5.44 9.64 -16.05
CZ TY2 B 250 -3.24 11.75 -10.16
OH TY2 B 250 -5.29 8.52 -16.91
OH TY2 B 250 -2.44 11.31 -9.09
NE2 TY2 B 250 -7.86 9.75 -16.63
NE2 TY2 B 250 -3.88 13.76 -8.84
N PRO B 251 -7.68 14.81 -15.49
CA PRO B 251 -8.34 14.70 -16.79
C PRO B 251 -7.74 15.66 -17.83
N HIS B 252 -7.54 16.93 -17.47
CA HIS B 252 -7.23 17.97 -18.44
C HIS B 252 -5.97 18.74 -18.14
N GLY B 253 -5.26 18.35 -17.07
CA GLY B 253 -3.97 18.95 -16.79
C GLY B 253 -3.98 20.42 -16.41
N VAL B 254 -5.14 20.92 -15.97
CA VAL B 254 -5.19 22.32 -15.57
C VAL B 254 -5.19 22.50 -14.05
N VAL B 255 -4.60 23.60 -13.60
CA VAL B 255 -4.46 23.89 -12.17
C VAL B 255 -5.68 24.68 -11.74
N ASP B 256 -6.33 24.25 -10.66
CA ASP B 256 -7.49 24.95 -10.14
C ASP B 256 -7.03 26.28 -9.52
N PRO B 257 -7.98 27.18 -9.23
CA PRO B 257 -7.68 28.48 -8.60
C PRO B 257 -7.37 28.28 -7.12
N ILE B 258 -6.23 27.68 -6.80
CA ILE B 258 -5.89 27.33 -5.42
C ILE B 258 -5.97 28.52 -4.44
N PRO B 259 -5.45 29.70 -4.85
CA PRO B 259 -5.50 30.83 -3.91
C PRO B 259 -6.92 31.16 -3.47
N GLU B 260 -7.86 31.14 -4.40
CA GLU B 260 -9.25 31.43 -4.07
C GLU B 260 -9.88 30.31 -3.24
N ILE B 261 -9.56 29.07 -3.58
CA ILE B 261 -10.06 27.94 -2.81
C ILE B 261 -9.50 27.97 -1.38
N ALA B 262 -8.19 28.14 -1.26
CA ALA B 262 -7.57 28.23 0.05
C ALA B 262 -8.18 29.36 0.89
N ALA B 263 -8.47 30.50 0.26
CA ALA B 263 -9.06 31.62 0.99
C ALA B 263 -10.49 31.29 1.40
N LEU B 264 -11.21 30.60 0.53
CA LEU B 264 -12.56 30.13 0.84
C LEU B 264 -12.51 29.25 2.10
N ALA B 265 -11.60 28.28 2.06
CA ALA B 265 -11.43 27.35 3.18
C ALA B 265 -11.15 28.10 4.48
N ALA B 266 -10.13 28.96 4.46
CA ALA B 266 -9.73 29.71 5.66
C ALA B 266 -10.90 30.53 6.22
N GLU B 267 -11.63 31.20 5.34
CA GLU B 267 -12.81 31.98 5.72
C GLU B 267 -13.82 31.14 6.49
N HIS B 268 -13.95 29.87 6.11
CA HIS B 268 -14.94 28.99 6.73
C HIS B 268 -14.39 28.13 7.87
N GLY B 269 -13.12 28.32 8.21
CA GLY B 269 -12.50 27.50 9.24
C GLY B 269 -12.52 26.02 8.90
N ILE B 270 -12.32 25.69 7.62
CA ILE B 270 -12.27 24.28 7.20
C ILE B 270 -10.93 24.00 6.51
N GLY B 271 -10.61 22.73 6.30
CA GLY B 271 -9.38 22.36 5.62
C GLY B 271 -9.38 22.67 4.14
N CYS B 272 -8.18 22.85 3.57
CA CYS B 272 -8.00 22.94 2.13
C CYS B 272 -6.89 21.98 1.69
N HIS B 273 -7.27 20.96 0.93
CA HIS B 273 -6.29 20.00 0.45
C HIS B 273 -5.98 20.30 -1.00
N VAL B 274 -4.69 20.38 -1.31
CA VAL B 274 -4.26 20.57 -2.68
C VAL B 274 -3.75 19.23 -3.17
N ASP B 275 -4.43 18.65 -4.15
CA ASP B 275 -3.93 17.43 -4.78
C ASP B 275 -2.86 17.78 -5.82
N ALA B 276 -1.60 17.76 -5.38
CA ALA B 276 -0.49 17.99 -6.28
C ALA B 276 0.24 16.68 -6.59
N CYS B 277 -0.52 15.59 -6.61
CA CYS B 277 0.08 14.27 -6.86
C CYS B 277 0.80 14.27 -8.21
N LEU B 278 0.18 14.90 -9.18
CA LEU B 278 0.68 14.95 -10.54
C LEU B 278 1.62 16.14 -10.75
N GLY B 279 1.36 17.24 -10.05
CA GLY B 279 2.08 18.47 -10.28
C GLY B 279 3.16 18.85 -9.28
N GLY B 280 3.19 18.18 -8.13
CA GLY B 280 4.12 18.52 -7.07
C GLY B 280 5.59 18.60 -7.46
N PHE B 281 6.04 17.68 -8.31
CA PHE B 281 7.43 17.66 -8.75
C PHE B 281 7.67 18.30 -10.13
N ILE B 282 6.67 19.05 -10.61
CA ILE B 282 6.78 19.79 -11.87
C ILE B 282 6.55 21.28 -11.68
N LEU B 283 5.46 21.61 -11.02
CA LEU B 283 5.02 23.00 -10.86
C LEU B 283 6.07 23.93 -10.21
N PRO B 284 6.70 23.50 -9.11
CA PRO B 284 7.69 24.40 -8.51
C PRO B 284 8.78 24.76 -9.53
N TRP B 285 9.13 23.81 -10.37
CA TRP B 285 10.20 24.03 -11.34
C TRP B 285 9.70 24.80 -12.57
N ALA B 286 8.45 24.53 -12.98
CA ALA B 286 7.84 25.27 -14.07
C ALA B 286 7.80 26.75 -13.68
N GLU B 287 7.50 26.99 -12.41
CA GLU B 287 7.40 28.36 -11.92
C GLU B 287 8.76 29.05 -12.00
N ARG B 288 9.81 28.37 -11.54
CA ARG B 288 11.18 28.88 -11.63
C ARG B 288 11.61 29.17 -13.06
N LEU B 289 11.14 28.35 -13.99
CA LEU B 289 11.48 28.50 -15.41
C LEU B 289 10.71 29.63 -16.10
N GLY B 290 9.78 30.25 -15.38
CA GLY B 290 9.05 31.38 -15.93
C GLY B 290 7.70 31.07 -16.56
N TYR B 291 7.21 29.84 -16.39
CA TYR B 291 5.90 29.46 -16.90
C TYR B 291 4.82 30.00 -15.98
N PRO B 292 3.64 30.26 -16.54
CA PRO B 292 2.52 30.78 -15.74
C PRO B 292 1.95 29.73 -14.77
N VAL B 293 2.37 29.77 -13.52
CA VAL B 293 1.76 28.92 -12.50
C VAL B 293 1.46 29.70 -11.22
N PRO B 294 0.18 29.74 -10.83
CA PRO B 294 -0.27 30.41 -9.61
C PRO B 294 0.31 29.72 -8.38
N PRO B 295 0.45 30.43 -7.25
CA PRO B 295 0.88 29.71 -6.06
C PRO B 295 -0.13 28.60 -5.79
N PHE B 296 0.32 27.45 -5.31
CA PHE B 296 -0.59 26.32 -5.19
C PHE B 296 -0.25 25.52 -3.95
N ASP B 297 0.66 26.03 -3.13
CA ASP B 297 1.20 25.23 -2.05
C ASP B 297 1.13 25.93 -0.70
N PHE B 298 2.04 25.60 0.21
CA PHE B 298 1.95 26.12 1.58
C PHE B 298 2.24 27.61 1.70
N ARG B 299 2.65 28.25 0.60
CA ARG B 299 2.76 29.70 0.57
C ARG B 299 1.40 30.34 0.79
N LEU B 300 0.33 29.59 0.52
CA LEU B 300 -1.01 30.09 0.75
C LEU B 300 -1.48 29.72 2.15
N GLU B 301 -1.90 30.72 2.91
CA GLU B 301 -2.23 30.56 4.33
C GLU B 301 -3.26 29.46 4.59
N GLY B 302 -4.28 29.40 3.73
CA GLY B 302 -5.39 28.48 3.90
C GLY B 302 -5.12 27.04 3.48
N VAL B 303 -3.99 26.80 2.81
CA VAL B 303 -3.63 25.45 2.43
C VAL B 303 -3.19 24.71 3.68
N THR B 304 -3.92 23.67 4.03
CA THR B 304 -3.63 22.89 5.23
C THR B 304 -3.00 21.51 4.95
N SER B 305 -3.10 21.04 3.70
CA SER B 305 -2.38 19.83 3.31
C SER B 305 -2.14 19.79 1.82
N VAL B 306 -1.10 19.07 1.41
CA VAL B 306 -0.74 18.88 0.01
C VAL B 306 -0.23 17.47 -0.20
N SER B 307 -0.68 16.82 -1.26
CA SER B 307 -0.15 15.52 -1.60
C SER B 307 0.72 15.66 -2.85
N ALA B 308 1.80 14.89 -2.92
CA ALA B 308 2.69 14.96 -4.07
C ALA B 308 3.29 13.58 -4.32
N ASP B 309 3.37 13.16 -5.58
CA ASP B 309 3.79 11.79 -5.85
C ASP B 309 5.25 11.70 -6.25
N THR B 310 6.07 11.16 -5.35
CA THR B 310 7.46 10.85 -5.67
C THR B 310 7.54 9.83 -6.79
N HIS B 311 6.54 8.94 -6.91
CA HIS B 311 6.61 7.91 -7.94
C HIS B 311 6.06 8.35 -9.28
N LYS B 312 5.65 9.61 -9.37
CA LYS B 312 5.36 10.22 -10.67
C LYS B 312 6.56 11.06 -11.08
N TYR B 313 6.46 12.37 -11.05
CA TYR B 313 7.57 13.17 -11.56
C TYR B 313 8.69 13.35 -10.56
N GLY B 314 8.59 12.70 -9.40
CA GLY B 314 9.70 12.64 -8.49
C GLY B 314 10.76 11.67 -9.03
N TYR B 315 10.32 10.84 -9.98
CA TYR B 315 11.12 9.77 -10.58
C TYR B 315 11.59 8.67 -9.63
N GLY B 316 10.92 8.49 -8.50
CA GLY B 316 11.17 7.32 -7.68
C GLY B 316 10.53 6.10 -8.32
N ALA B 317 10.71 4.93 -7.73
CA ALA B 317 10.03 3.72 -8.19
C ALA B 317 8.56 3.72 -7.78
N LYS B 318 7.70 3.02 -8.53
CA LYS B 318 6.29 2.92 -8.16
C LYS B 318 6.14 2.42 -6.73
N GLY B 319 5.18 2.99 -6.00
CA GLY B 319 4.91 2.57 -4.64
C GLY B 319 5.15 3.61 -3.55
N THR B 320 5.39 4.88 -3.92
CA THR B 320 5.59 5.93 -2.92
C THR B 320 4.94 7.27 -3.30
N SER B 321 4.57 8.01 -2.27
CA SER B 321 4.00 9.33 -2.42
C SER B 321 4.21 10.02 -1.09
N VAL B 322 3.85 11.29 -1.02
CA VAL B 322 4.01 12.04 0.22
C VAL B 322 2.71 12.75 0.56
N ILE B 323 2.32 12.73 1.83
CA ILE B 323 1.22 13.57 2.30
C ILE B 323 1.78 14.57 3.30
N LEU B 324 1.49 15.85 3.11
CA LEU B 324 2.03 16.90 3.97
C LEU B 324 0.89 17.65 4.63
N TYR B 325 1.07 18.05 5.88
CA TYR B 325 0.08 18.85 6.60
C TYR B 325 0.77 20.12 7.06
N ARG B 326 0.01 21.21 7.19
CA ARG B 326 0.57 22.48 7.61
C ARG B 326 1.09 22.47 9.06
N ARG B 327 0.47 21.67 9.92
CA ARG B 327 0.86 21.62 11.33
C ARG B 327 0.74 20.21 11.88
N PRO B 328 1.49 19.90 12.95
CA PRO B 328 1.51 18.58 13.60
C PRO B 328 0.16 18.19 14.17
N ASP B 329 -0.61 19.17 14.66
CA ASP B 329 -1.89 18.86 15.29
C ASP B 329 -2.89 18.25 14.29
N LEU B 330 -2.69 18.54 13.01
CA LEU B 330 -3.46 17.89 11.95
C LEU B 330 -2.93 16.49 11.68
N LEU B 331 -1.61 16.40 11.41
CA LEU B 331 -0.94 15.14 11.15
C LEU B 331 -1.30 14.10 12.19
N HIS B 332 -1.32 14.52 13.46
CA HIS B 332 -1.61 13.59 14.56
C HIS B 332 -2.94 12.86 14.41
N TYR B 333 -3.88 13.43 13.66
CA TYR B 333 -5.15 12.71 13.45
C TYR B 333 -5.03 11.57 12.44
N GLN B 334 -3.89 11.48 11.78
CA GLN B 334 -3.70 10.47 10.76
C GLN B 334 -3.22 9.17 11.37
N TYR B 335 -2.43 9.28 12.44
CA TYR B 335 -1.75 8.13 13.02
C TYR B 335 -2.74 7.11 13.58
N PHE B 336 -2.39 5.83 13.48
CA PHE B 336 -3.13 4.79 14.20
C PHE B 336 -2.32 4.29 15.38
N ILE B 337 -2.93 4.30 16.56
CA ILE B 337 -2.24 3.82 17.76
C ILE B 337 -3.14 2.87 18.53
N ALA B 338 -2.61 1.68 18.83
CA ALA B 338 -3.34 0.72 19.66
C ALA B 338 -2.60 0.49 20.97
N ALA B 339 -3.28 0.75 22.08
CA ALA B 339 -2.67 0.64 23.41
C ALA B 339 -3.08 -0.58 24.27
N ASP B 340 -4.21 -1.20 23.99
CA ASP B 340 -4.71 -2.30 24.83
C ASP B 340 -4.60 -3.66 24.13
N TRP B 341 -3.81 -3.75 23.08
CA TRP B 341 -3.68 -5.00 22.35
C TRP B 341 -2.61 -5.88 23.00
N PRO B 342 -2.95 -7.15 23.26
CA PRO B 342 -2.05 -8.15 23.82
C PRO B 342 -0.80 -8.38 22.96
N GLY B 343 -0.80 -7.89 21.72
CA GLY B 343 0.36 -8.00 20.87
C GLY B 343 1.36 -6.91 21.22
N GLY B 344 1.03 -6.12 22.22
CA GLY B 344 1.92 -5.07 22.67
C GLY B 344 1.58 -3.74 22.04
N LEU B 345 2.38 -2.73 22.37
CA LEU B 345 2.24 -1.41 21.79
C LEU B 345 2.30 -1.54 20.29
N TYR B 346 1.39 -0.88 19.60
CA TYR B 346 1.35 -0.94 18.15
C TYR B 346 0.95 0.41 17.56
N PHE B 347 1.66 0.83 16.52
CA PHE B 347 1.34 2.09 15.84
C PHE B 347 1.67 2.01 14.37
N SER B 348 0.90 2.76 13.57
CA SER B 348 1.13 2.90 12.13
C SER B 348 0.95 4.38 11.81
N PRO B 349 1.88 4.97 11.05
CA PRO B 349 1.67 6.36 10.63
C PRO B 349 0.68 6.46 9.47
N THR B 350 0.48 5.35 8.74
CA THR B 350 -0.38 5.34 7.56
C THR B 350 -1.27 4.09 7.56
N PHE B 351 -1.85 3.75 6.41
CA PHE B 351 -2.74 2.58 6.33
C PHE B 351 -2.08 1.22 6.58
N ALA B 352 -0.87 1.04 6.06
CA ALA B 352 -0.24 -0.26 6.13
C ALA B 352 0.33 -0.54 7.53
N GLY B 353 0.63 -1.80 7.78
CA GLY B 353 1.50 -2.19 8.88
C GLY B 353 2.85 -2.42 8.23
N SER B 354 3.16 -3.66 7.90
CA SER B 354 4.38 -3.95 7.13
C SER B 354 4.37 -3.20 5.79
N ARG B 355 5.53 -2.73 5.38
CA ARG B 355 5.67 -1.93 4.16
C ARG B 355 7.00 -2.26 3.52
N PRO B 356 7.10 -2.10 2.19
CA PRO B 356 8.36 -2.30 1.46
C PRO B 356 9.28 -1.09 1.58
N GLY B 357 10.09 -1.03 2.63
CA GLY B 357 10.97 0.11 2.85
C GLY B 357 11.96 0.39 1.71
N ALA B 358 12.25 -0.63 0.91
CA ALA B 358 13.14 -0.44 -0.24
C ALA B 358 12.57 0.61 -1.21
N LEU B 359 11.24 0.68 -1.31
CA LEU B 359 10.62 1.65 -2.22
C LEU B 359 10.81 3.09 -1.75
N SER B 360 10.71 3.32 -0.44
CA SER B 360 11.06 4.62 0.15
C SER B 360 12.52 5.00 -0.15
N ALA B 361 13.43 4.03 -0.03
CA ALA B 361 14.82 4.25 -0.38
C ALA B 361 14.95 4.75 -1.82
N THR B 362 14.19 4.17 -2.75
CA THR B 362 14.31 4.60 -4.15
C THR B 362 13.81 6.03 -4.35
N ALA B 363 12.80 6.45 -3.58
CA ALA B 363 12.32 7.84 -3.60
C ALA B 363 13.42 8.80 -3.17
N TRP B 364 13.98 8.52 -1.99
CA TRP B 364 15.10 9.29 -1.43
C TRP B 364 16.30 9.35 -2.40
N ALA B 365 16.74 8.21 -2.89
CA ALA B 365 17.87 8.14 -3.83
C ALA B 365 17.59 8.93 -5.11
N ALA B 366 16.37 8.81 -5.64
CA ALA B 366 16.00 9.53 -6.86
C ALA B 366 16.09 11.04 -6.61
N MET B 367 15.49 11.50 -5.51
CA MET B 367 15.50 12.94 -5.20
C MET B 367 16.92 13.47 -5.05
N LEU B 368 17.74 12.75 -4.31
CA LEU B 368 19.13 13.13 -4.13
C LEU B 368 19.95 13.15 -5.44
N SER B 369 19.76 12.14 -6.30
CA SER B 369 20.52 12.06 -7.55
C SER B 369 20.10 13.11 -8.59
N LEU B 370 18.89 13.63 -8.46
CA LEU B 370 18.42 14.69 -9.35
C LEU B 370 18.81 16.07 -8.82
N GLY B 371 18.43 16.36 -7.59
CA GLY B 371 18.63 17.68 -7.00
C GLY B 371 17.79 18.71 -7.73
N GLU B 372 17.86 19.97 -7.32
CA GLU B 372 17.11 21.01 -7.98
C GLU B 372 17.46 21.11 -9.46
N GLU B 373 18.76 21.06 -9.77
CA GLU B 373 19.20 21.11 -11.16
C GLU B 373 18.59 20.00 -12.02
N GLY B 374 18.52 18.78 -11.48
CA GLY B 374 17.93 17.67 -12.22
C GLY B 374 16.43 17.83 -12.45
N TYR B 375 15.71 18.31 -11.44
CA TYR B 375 14.26 18.52 -11.61
C TYR B 375 14.00 19.70 -12.54
N LEU B 376 14.86 20.71 -12.45
CA LEU B 376 14.73 21.87 -13.30
C LEU B 376 14.96 21.45 -14.74
N ASP B 377 16.00 20.67 -14.98
CA ASP B 377 16.27 20.18 -16.33
C ASP B 377 15.18 19.26 -16.89
N ALA B 378 14.72 18.31 -16.08
CA ALA B 378 13.68 17.41 -16.54
C ALA B 378 12.40 18.18 -16.88
N THR B 379 12.01 19.08 -15.99
CA THR B 379 10.81 19.88 -16.21
C THR B 379 10.92 20.73 -17.48
N ARG B 380 12.07 21.37 -17.68
CA ARG B 380 12.29 22.15 -18.89
C ARG B 380 12.07 21.32 -20.14
N ARG B 381 12.64 20.11 -20.16
CA ARG B 381 12.52 19.22 -21.31
C ARG B 381 11.08 18.81 -21.55
N ILE B 382 10.37 18.48 -20.47
CA ILE B 382 8.96 18.06 -20.59
C ILE B 382 8.10 19.22 -21.09
N LEU B 383 8.33 20.41 -20.54
CA LEU B 383 7.50 21.56 -20.88
C LEU B 383 7.76 22.05 -22.31
N GLN B 384 9.00 21.96 -22.78
CA GLN B 384 9.26 22.34 -24.16
C GLN B 384 8.70 21.31 -25.15
N ALA B 385 8.77 20.03 -24.78
CA ALA B 385 8.08 19.02 -25.57
C ALA B 385 6.58 19.29 -25.59
N ALA B 386 6.02 19.67 -24.44
CA ALA B 386 4.58 19.97 -24.38
C ALA B 386 4.23 21.16 -25.26
N ASP B 387 5.07 22.19 -25.24
CA ASP B 387 4.87 23.41 -26.04
C ASP B 387 4.78 23.06 -27.51
N ARG B 388 5.73 22.25 -27.96
CA ARG B 388 5.74 21.79 -29.34
C ARG B 388 4.51 20.91 -29.65
N LEU B 389 4.18 20.00 -28.75
CA LEU B 389 3.03 19.11 -28.98
C LEU B 389 1.72 19.90 -29.03
N LYS B 390 1.54 20.82 -28.08
CA LYS B 390 0.31 21.62 -28.04
C LYS B 390 0.15 22.45 -29.31
N ALA B 391 1.25 23.04 -29.78
CA ALA B 391 1.18 23.87 -30.97
C ALA B 391 0.76 23.02 -32.18
N GLY B 392 1.34 21.82 -32.31
CA GLY B 392 0.99 20.90 -33.37
C GLY B 392 -0.46 20.44 -33.34
N VAL B 393 -1.03 20.25 -32.15
CA VAL B 393 -2.44 19.86 -32.05
C VAL B 393 -3.34 21.02 -32.44
N ARG B 394 -3.01 22.22 -31.97
CA ARG B 394 -3.81 23.40 -32.29
C ARG B 394 -3.74 23.71 -33.78
N ALA B 395 -2.66 23.29 -34.44
CA ALA B 395 -2.53 23.51 -35.88
C ALA B 395 -3.41 22.55 -36.70
N ILE B 396 -3.96 21.52 -36.06
CA ILE B 396 -4.84 20.56 -36.76
C ILE B 396 -6.30 21.01 -36.70
N PRO B 397 -6.87 21.33 -37.86
CA PRO B 397 -8.14 22.04 -37.95
C PRO B 397 -9.28 21.53 -37.06
N SER B 398 -9.52 20.24 -37.03
CA SER B 398 -10.71 19.74 -36.33
C SER B 398 -10.49 19.35 -34.85
N LEU B 399 -9.34 19.68 -34.29
CA LEU B 399 -9.03 19.36 -32.89
C LEU B 399 -8.95 20.61 -32.00
N LYS B 400 -9.22 20.43 -30.72
CA LYS B 400 -9.01 21.49 -29.75
C LYS B 400 -8.46 20.91 -28.46
N ILE B 401 -7.79 21.73 -27.67
CA ILE B 401 -7.29 21.30 -26.39
C ILE B 401 -8.25 21.85 -25.34
N LEU B 402 -8.55 21.06 -24.32
CA LEU B 402 -9.45 21.49 -23.26
C LEU B 402 -8.65 22.32 -22.25
N GLY B 403 -9.06 23.57 -22.05
CA GLY B 403 -8.39 24.43 -21.10
C GLY B 403 -6.99 24.84 -21.53
N ASP B 404 -6.14 25.20 -20.57
CA ASP B 404 -4.83 25.74 -20.87
C ASP B 404 -3.72 25.00 -20.10
N PRO B 405 -3.54 23.69 -20.38
CA PRO B 405 -2.60 22.87 -19.61
C PRO B 405 -1.15 23.12 -19.96
N LEU B 406 -0.25 22.85 -19.01
CA LEU B 406 1.18 22.91 -19.30
C LEU B 406 1.79 21.64 -19.91
N TRP B 407 1.34 20.45 -19.49
CA TRP B 407 1.98 19.22 -20.00
C TRP B 407 1.12 17.97 -20.05
N VAL B 408 -0.04 18.01 -19.39
CA VAL B 408 -1.02 16.93 -19.50
C VAL B 408 -2.15 17.43 -20.39
N ILE B 409 -2.18 16.94 -21.63
CA ILE B 409 -2.94 17.56 -22.71
C ILE B 409 -4.18 16.73 -23.08
N ALA B 410 -5.37 17.26 -22.79
CA ALA B 410 -6.61 16.61 -23.22
C ALA B 410 -7.04 17.17 -24.57
N VAL B 411 -7.18 16.31 -25.57
CA VAL B 411 -7.62 16.80 -26.87
C VAL B 411 -9.00 16.29 -27.26
N ALA B 412 -9.80 17.18 -27.83
CA ALA B 412 -11.20 16.90 -28.16
C ALA B 412 -11.51 17.38 -29.56
N SER B 413 -12.71 17.09 -30.04
CA SER B 413 -13.14 17.53 -31.36
C SER B 413 -14.65 17.70 -31.40
N ASP B 414 -15.11 18.85 -31.85
CA ASP B 414 -16.55 19.09 -31.97
C ASP B 414 -17.11 18.51 -33.27
N GLU B 415 -16.23 18.20 -34.21
CA GLU B 415 -16.67 17.79 -35.55
C GLU B 415 -16.44 16.30 -35.80
N LEU B 416 -15.41 15.73 -35.21
CA LEU B 416 -15.10 14.33 -35.46
C LEU B 416 -15.26 13.48 -34.21
N ASN B 417 -15.40 12.17 -34.40
CA ASN B 417 -15.42 11.25 -33.27
C ASN B 417 -14.02 11.07 -32.67
N ILE B 418 -13.76 11.76 -31.56
CA ILE B 418 -12.42 11.74 -30.93
C ILE B 418 -11.98 10.34 -30.52
N TYR B 419 -12.95 9.47 -30.23
CA TYR B 419 -12.64 8.08 -29.88
C TYR B 419 -12.04 7.29 -31.05
N GLN B 420 -12.48 7.59 -32.26
CA GLN B 420 -11.87 6.94 -33.42
C GLN B 420 -10.51 7.56 -33.74
N VAL B 421 -10.36 8.86 -33.51
CA VAL B 421 -9.06 9.50 -33.67
C VAL B 421 -8.10 8.79 -32.73
N MET B 422 -8.55 8.57 -31.49
CA MET B 422 -7.74 7.86 -30.51
C MET B 422 -7.42 6.45 -30.96
N GLU B 423 -8.41 5.75 -31.52
CA GLU B 423 -8.19 4.38 -32.01
C GLU B 423 -7.17 4.33 -33.14
N GLU B 424 -7.19 5.34 -34.00
CA GLU B 424 -6.21 5.44 -35.09
C GLU B 424 -4.80 5.61 -34.51
N MET B 425 -4.70 6.35 -33.41
CA MET B 425 -3.41 6.50 -32.73
C MET B 425 -2.98 5.16 -32.12
N ALA B 426 -3.90 4.47 -31.47
CA ALA B 426 -3.63 3.14 -30.94
C ALA B 426 -3.12 2.16 -32.00
N GLY B 427 -3.68 2.24 -33.21
CA GLY B 427 -3.25 1.38 -34.29
C GLY B 427 -1.81 1.68 -34.70
N ARG B 428 -1.31 2.84 -34.27
CA ARG B 428 0.06 3.26 -34.58
C ARG B 428 0.97 3.03 -33.37
N GLY B 429 0.41 2.43 -32.32
CA GLY B 429 1.20 2.07 -31.16
C GLY B 429 0.95 2.92 -29.92
N TRP B 430 0.19 4.01 -30.05
CA TRP B 430 -0.01 4.94 -28.93
C TRP B 430 -0.95 4.37 -27.89
N ARG B 431 -0.58 4.54 -26.63
CA ARG B 431 -1.41 4.09 -25.53
C ARG B 431 -1.88 5.33 -24.80
N LEU B 432 -3.03 5.85 -25.22
CA LEU B 432 -3.53 7.11 -24.68
C LEU B 432 -4.64 6.82 -23.68
N ASN B 433 -5.03 7.84 -22.94
CA ASN B 433 -6.08 7.66 -21.95
C ASN B 433 -7.37 8.25 -22.50
N GLY B 434 -8.43 7.45 -22.53
CA GLY B 434 -9.70 7.91 -23.05
C GLY B 434 -10.53 8.55 -21.95
N LEU B 435 -11.08 9.72 -22.24
CA LEU B 435 -11.79 10.48 -21.24
C LEU B 435 -13.24 10.54 -21.67
N HIS B 436 -14.11 10.97 -20.76
CA HIS B 436 -15.46 11.36 -21.16
C HIS B 436 -15.91 12.53 -20.27
N ARG B 437 -17.10 13.06 -20.51
CA ARG B 437 -17.60 14.25 -19.81
C ARG B 437 -16.62 15.42 -19.86
N PRO B 438 -16.21 15.86 -21.07
CA PRO B 438 -16.66 15.40 -22.39
C PRO B 438 -15.71 14.38 -23.03
N PRO B 439 -16.15 13.75 -24.13
CA PRO B 439 -15.29 12.82 -24.88
C PRO B 439 -13.98 13.50 -25.24
N ALA B 440 -12.89 12.81 -25.01
CA ALA B 440 -11.59 13.32 -25.36
C ALA B 440 -10.58 12.21 -25.14
N PHE B 441 -9.33 12.44 -25.51
CA PHE B 441 -8.25 11.61 -24.98
C PHE B 441 -7.18 12.55 -24.43
N HIS B 442 -6.37 12.06 -23.50
CA HIS B 442 -5.23 12.86 -23.11
C HIS B 442 -3.89 12.14 -23.22
N VAL B 443 -2.83 12.93 -23.26
CA VAL B 443 -1.48 12.42 -23.19
C VAL B 443 -0.76 13.17 -22.07
N ALA B 444 -0.31 12.44 -21.07
CA ALA B 444 0.47 13.01 -20.00
C ALA B 444 1.92 12.83 -20.37
N LEU B 445 2.58 13.93 -20.73
CA LEU B 445 3.95 13.86 -21.20
C LEU B 445 4.95 13.59 -20.08
N THR B 446 5.94 12.76 -20.38
CA THR B 446 6.95 12.35 -19.40
C THR B 446 8.31 12.53 -20.04
N LEU B 447 9.37 12.17 -19.32
CA LEU B 447 10.71 12.20 -19.91
C LEU B 447 10.77 11.30 -21.15
N ARG B 448 9.96 10.23 -21.18
CA ARG B 448 9.98 9.34 -22.33
C ARG B 448 9.61 10.08 -23.63
N HIS B 449 8.83 11.16 -23.51
CA HIS B 449 8.38 11.88 -24.70
C HIS B 449 9.30 13.02 -25.07
N THR B 450 10.37 13.20 -24.29
CA THR B 450 11.33 14.25 -24.58
C THR B 450 12.49 13.66 -25.38
N GLU B 451 12.43 12.37 -25.67
CA GLU B 451 13.48 11.73 -26.47
C GLU B 451 13.38 12.19 -27.93
N PRO B 452 14.50 12.19 -28.66
CA PRO B 452 14.48 12.64 -30.07
C PRO B 452 13.37 11.98 -30.89
N GLY B 453 12.62 12.81 -31.60
CA GLY B 453 11.65 12.31 -32.57
C GLY B 453 10.27 11.94 -32.02
N VAL B 454 10.14 11.83 -30.69
CA VAL B 454 8.89 11.30 -30.15
C VAL B 454 7.70 12.24 -30.38
N VAL B 455 7.87 13.52 -30.08
CA VAL B 455 6.78 14.46 -30.32
C VAL B 455 6.44 14.57 -31.81
N ASP B 456 7.46 14.53 -32.67
CA ASP B 456 7.25 14.56 -34.12
C ASP B 456 6.43 13.37 -34.63
N ARG B 457 6.71 12.18 -34.08
CA ARG B 457 5.97 10.97 -34.42
C ARG B 457 4.50 11.12 -33.98
N PHE B 458 4.30 11.62 -32.77
CA PHE B 458 2.94 11.86 -32.28
C PHE B 458 2.14 12.76 -33.22
N LEU B 459 2.70 13.90 -33.58
CA LEU B 459 1.97 14.83 -34.44
C LEU B 459 1.73 14.25 -35.84
N ALA B 460 2.75 13.61 -36.41
CA ALA B 460 2.60 12.97 -37.72
C ALA B 460 1.48 11.94 -37.68
N ASP B 461 1.46 11.13 -36.62
CA ASP B 461 0.44 10.10 -36.45
C ASP B 461 -0.93 10.70 -36.24
N LEU B 462 -0.97 11.81 -35.51
CA LEU B 462 -2.23 12.47 -35.16
C LEU B 462 -2.84 13.11 -36.41
N GLN B 463 -1.99 13.65 -37.27
CA GLN B 463 -2.44 14.21 -38.54
C GLN B 463 -3.04 13.12 -39.44
N ASP B 464 -2.38 11.98 -39.52
CA ASP B 464 -2.92 10.86 -40.29
C ASP B 464 -4.19 10.34 -39.64
N ALA B 465 -4.23 10.34 -38.32
CA ALA B 465 -5.41 9.84 -37.62
C ALA B 465 -6.61 10.69 -38.00
N VAL B 466 -6.45 12.00 -37.92
CA VAL B 466 -7.54 12.94 -38.23
C VAL B 466 -7.94 12.90 -39.71
N ALA B 467 -6.98 12.73 -40.60
CA ALA B 467 -7.27 12.64 -42.02
C ALA B 467 -8.14 11.42 -42.28
N GLN B 468 -7.80 10.31 -41.64
CA GLN B 468 -8.57 9.08 -41.83
C GLN B 468 -9.99 9.20 -41.29
N VAL B 469 -10.14 9.82 -40.12
CA VAL B 469 -11.48 9.95 -39.53
C VAL B 469 -12.33 10.91 -40.34
N ARG B 470 -11.71 11.97 -40.85
CA ARG B 470 -12.41 12.95 -41.68
C ARG B 470 -12.92 12.26 -42.94
N ALA B 471 -12.11 11.38 -43.52
CA ALA B 471 -12.51 10.63 -44.72
C ALA B 471 -13.64 9.65 -44.45
N HIS B 472 -13.67 9.07 -43.25
CA HIS B 472 -14.67 8.07 -42.90
C HIS B 472 -15.23 8.37 -41.52
N PRO B 473 -16.07 9.42 -41.44
CA PRO B 473 -16.50 9.94 -40.14
C PRO B 473 -17.32 8.93 -39.31
N GLU B 474 -17.93 7.95 -39.98
CA GLU B 474 -18.75 6.96 -39.28
C GLU B 474 -17.95 5.73 -38.87
N LYS B 475 -16.69 5.67 -39.28
CA LYS B 475 -15.82 4.57 -38.90
C LYS B 475 -15.68 4.53 -37.38
N ALA B 476 -15.86 3.35 -36.79
CA ALA B 476 -15.65 3.15 -35.37
C ALA B 476 -15.16 1.72 -35.17
N THR B 477 -13.89 1.56 -34.85
CA THR B 477 -13.29 0.24 -34.74
C THR B 477 -12.53 0.08 -33.43
N GLY B 478 -12.18 -1.18 -33.12
CA GLY B 478 -11.43 -1.50 -31.91
C GLY B 478 -12.08 -1.01 -30.63
N MET B 479 -11.37 -0.19 -29.87
CA MET B 479 -11.86 0.32 -28.59
C MET B 479 -12.79 1.53 -28.71
N ALA B 480 -12.82 2.15 -29.89
CA ALA B 480 -13.64 3.35 -30.07
C ALA B 480 -15.12 3.15 -29.68
N PRO B 481 -15.76 2.05 -30.15
CA PRO B 481 -17.16 1.83 -29.76
C PRO B 481 -17.29 1.54 -28.27
N VAL B 482 -16.26 0.95 -27.67
CA VAL B 482 -16.25 0.70 -26.24
C VAL B 482 -16.29 2.00 -25.41
N TYR B 483 -15.42 2.95 -25.73
CA TYR B 483 -15.46 4.25 -25.05
C TYR B 483 -16.77 4.98 -25.34
N GLY B 484 -17.24 4.85 -26.57
CA GLY B 484 -18.48 5.50 -26.95
C GLY B 484 -19.65 4.99 -26.14
N MET B 485 -19.73 3.66 -26.00
CA MET B 485 -20.78 3.05 -25.19
C MET B 485 -20.64 3.41 -23.71
N ALA B 486 -19.42 3.37 -23.19
CA ALA B 486 -19.19 3.71 -21.78
C ALA B 486 -19.63 5.13 -21.45
N ALA B 487 -19.40 6.05 -22.38
CA ALA B 487 -19.81 7.44 -22.20
C ALA B 487 -21.33 7.60 -22.14
N ALA B 488 -22.06 6.76 -22.87
CA ALA B 488 -23.52 6.85 -22.94
C ALA B 488 -24.22 6.02 -21.89
N ALA B 489 -23.54 5.00 -21.39
CA ALA B 489 -24.15 3.99 -20.53
C ALA B 489 -24.49 4.51 -19.13
N PRO B 490 -25.58 3.96 -18.55
CA PRO B 490 -25.91 4.24 -17.15
C PRO B 490 -24.81 3.70 -16.23
N PRO B 491 -24.49 4.43 -15.15
CA PRO B 491 -23.37 4.10 -14.28
C PRO B 491 -23.49 2.71 -13.66
N GLU B 492 -24.71 2.30 -13.34
CA GLU B 492 -24.91 0.96 -12.77
C GLU B 492 -24.50 -0.10 -13.77
N LEU B 493 -24.80 0.14 -15.04
CA LEU B 493 -24.46 -0.80 -16.10
C LEU B 493 -22.94 -0.86 -16.26
N VAL B 494 -22.31 0.31 -16.24
CA VAL B 494 -20.86 0.38 -16.29
C VAL B 494 -20.27 -0.41 -15.13
N ARG B 495 -20.84 -0.23 -13.93
CA ARG B 495 -20.35 -0.91 -12.74
C ARG B 495 -20.33 -2.42 -12.93
N GLN B 496 -21.44 -2.96 -13.43
CA GLN B 496 -21.58 -4.40 -13.64
C GLN B 496 -20.60 -4.93 -14.65
N VAL B 497 -20.43 -4.21 -15.76
CA VAL B 497 -19.53 -4.64 -16.82
C VAL B 497 -18.08 -4.59 -16.38
N LEU B 498 -17.69 -3.51 -15.71
CA LEU B 498 -16.33 -3.36 -15.20
C LEU B 498 -16.02 -4.42 -14.13
N THR B 499 -17.01 -4.71 -13.30
CA THR B 499 -16.89 -5.78 -12.32
C THR B 499 -16.56 -7.11 -13.01
N GLY B 500 -17.27 -7.41 -14.08
CA GLY B 500 -16.95 -8.57 -14.92
C GLY B 500 -15.55 -8.49 -15.50
N PHE B 501 -15.11 -7.29 -15.87
CA PHE B 501 -13.77 -7.11 -16.44
C PHE B 501 -12.67 -7.41 -15.42
N ILE B 502 -12.81 -6.89 -14.21
CA ILE B 502 -11.81 -7.16 -13.17
C ILE B 502 -11.76 -8.68 -12.92
N ASP B 503 -12.93 -9.31 -12.87
CA ASP B 503 -12.98 -10.76 -12.76
C ASP B 503 -12.14 -11.40 -13.86
N LEU B 504 -12.24 -10.84 -15.06
CA LEU B 504 -11.50 -11.37 -16.21
C LEU B 504 -10.00 -11.28 -16.01
N LEU B 505 -9.53 -10.18 -15.42
CA LEU B 505 -8.11 -10.01 -15.17
C LEU B 505 -7.56 -11.10 -14.26
N TYR B 506 -8.40 -11.57 -13.33
CA TYR B 506 -7.98 -12.55 -12.35
C TYR B 506 -8.28 -14.01 -12.75
N GLU B 507 -8.77 -14.23 -13.98
CA GLU B 507 -9.01 -15.59 -14.47
C GLU B 507 -7.72 -16.35 -14.81
N VAL B 508 -7.61 -17.58 -14.33
CA VAL B 508 -6.49 -18.44 -14.66
C VAL B 508 -7.02 -19.64 -15.44
P PO4 C . 6.62 -8.83 11.05
O1 PO4 C . 7.55 -9.71 11.88
O2 PO4 C . 5.66 -8.09 11.96
O3 PO4 C . 7.44 -7.86 10.27
O4 PO4 C . 5.83 -9.70 10.10
P PO4 D . 1.14 -6.77 8.02
O1 PO4 D . 1.69 -7.43 6.77
O2 PO4 D . 0.29 -7.75 8.81
O3 PO4 D . 2.25 -6.27 8.91
O4 PO4 D . 0.29 -5.59 7.59
C1 EDO E . 11.62 -3.20 -15.51
O1 EDO E . 10.28 -3.10 -16.04
C2 EDO E . 12.65 -2.48 -16.37
O2 EDO E . 13.95 -2.65 -15.75
NA NA F . 9.74 -23.54 32.53
P PO4 G . -0.27 6.89 -14.13
O1 PO4 G . 0.28 5.51 -13.92
O2 PO4 G . -1.77 6.86 -13.92
O3 PO4 G . 0.37 7.83 -13.16
O4 PO4 G . 0.04 7.34 -15.55
P PO4 H . -1.98 7.02 -7.70
O1 PO4 H . -2.22 6.22 -8.96
O2 PO4 H . -2.71 6.35 -6.55
O3 PO4 H . -0.50 7.05 -7.38
O4 PO4 H . -2.50 8.44 -7.89
#